data_8D98
#
_entry.id   8D98
#
_cell.length_a   74.923
_cell.length_b   91.468
_cell.length_c   96.920
_cell.angle_alpha   90.000
_cell.angle_beta   90.000
_cell.angle_gamma   90.000
#
_symmetry.space_group_name_H-M   'P 21 21 21'
#
loop_
_entity.id
_entity.type
_entity.pdbx_description
1 polymer 'Hdac6 protein'
2 non-polymer 3,5-difluoro-N-hydroxybenzamide
3 non-polymer 'ZINC ION'
4 non-polymer 'POTASSIUM ION'
5 water water
#
_entity_poly.entity_id   1
_entity_poly.type   'polypeptide(L)'
_entity_poly.pdbx_seq_one_letter_code
;SNAGGSSPITGLVYDQRMMLHHNMWDSHHPELPQRISRIFSRHEELRLLSRCHRIPARLATEEELALCHSSKHISIIKSS
EHMKPRDLNRLGDEYNSIFISNESYTCALLAAGSCFNSAQAILTGQVRNAVAIVRPPGHHAEKDTACGFCFFNTAALTAR
YAQSITRESLRVLIVDWDVHHGNGTQHIFEEDDSVLYISLHRYEDGAFFPNSEDANYDKVGLGKGRGYNVNIPWNGGKMG
DPEYMAAFHHLVMPIAREFAPELVLVSAGFDAARGDPLGGFQVTPEGYAHLTHQLMSLAAGRVLIILEGGYNLTSISESM
SMCTSMLLGDSPPSLDHLTPLKTSATVSINNVLRAHAPFWSSLR
;
_entity_poly.pdbx_strand_id   A,B
#
loop_
_chem_comp.id
_chem_comp.type
_chem_comp.name
_chem_comp.formula
K non-polymer 'POTASSIUM ION' 'K 1'
QHX non-polymer 3,5-difluoro-N-hydroxybenzamide 'C7 H5 F2 N O2'
ZN non-polymer 'ZINC ION' 'Zn 2'
#
# COMPACT_ATOMS: atom_id res chain seq x y z
N PRO A 8 -3.68 -18.35 24.00
CA PRO A 8 -2.79 -18.39 22.84
C PRO A 8 -2.92 -17.12 22.02
N ILE A 9 -2.40 -16.01 22.56
CA ILE A 9 -2.68 -14.67 22.07
C ILE A 9 -1.42 -14.08 21.43
N THR A 10 -1.59 -13.38 20.31
CA THR A 10 -0.53 -12.60 19.68
C THR A 10 -0.78 -11.12 19.94
N GLY A 11 0.23 -10.43 20.46
CA GLY A 11 0.12 -9.01 20.67
C GLY A 11 0.65 -8.20 19.49
N LEU A 12 0.17 -6.95 19.38
CA LEU A 12 0.56 -6.04 18.31
C LEU A 12 0.66 -4.63 18.87
N VAL A 13 1.77 -3.95 18.62
CA VAL A 13 1.89 -2.55 19.00
C VAL A 13 2.13 -1.71 17.75
N TYR A 14 1.41 -0.60 17.64
CA TYR A 14 1.54 0.36 16.56
C TYR A 14 1.01 1.69 17.09
N ASP A 15 1.72 2.78 16.82
CA ASP A 15 1.26 4.11 17.24
C ASP A 15 1.58 5.11 16.14
N GLN A 16 0.55 5.80 15.64
CA GLN A 16 0.73 6.77 14.56
C GLN A 16 1.67 7.91 14.92
N ARG A 17 1.91 8.16 16.21
CA ARG A 17 2.83 9.23 16.58
C ARG A 17 4.23 8.97 16.06
N MET A 18 4.59 7.70 15.84
CA MET A 18 5.93 7.43 15.33
C MET A 18 6.08 7.85 13.87
N MET A 19 4.99 8.25 13.19
CA MET A 19 5.15 8.83 11.86
C MET A 19 5.69 10.25 11.89
N LEU A 20 5.79 10.88 13.05
CA LEU A 20 6.13 12.30 13.04
C LEU A 20 7.60 12.55 12.75
N HIS A 21 8.48 11.58 13.02
CA HIS A 21 9.89 11.65 12.62
C HIS A 21 9.99 11.74 11.10
N HIS A 22 10.72 12.73 10.61
CA HIS A 22 10.72 12.96 9.17
C HIS A 22 11.96 13.71 8.75
N ASN A 23 12.20 13.71 7.43
CA ASN A 23 13.37 14.35 6.81
C ASN A 23 12.90 15.66 6.19
N MET A 24 13.33 16.77 6.77
CA MET A 24 12.77 18.03 6.32
C MET A 24 13.42 18.54 5.05
N TRP A 25 14.56 17.98 4.63
CA TRP A 25 15.18 18.33 3.35
C TRP A 25 14.69 17.47 2.20
N ASP A 26 14.27 16.24 2.47
CA ASP A 26 14.07 15.22 1.44
C ASP A 26 12.83 14.43 1.84
N SER A 27 11.66 14.92 1.41
CA SER A 27 10.40 14.25 1.74
C SER A 27 10.33 12.83 1.17
N HIS A 28 11.23 12.46 0.26
CA HIS A 28 11.21 11.14 -0.35
C HIS A 28 12.32 10.23 0.15
N HIS A 29 13.00 10.62 1.22
CA HIS A 29 13.96 9.72 1.84
C HIS A 29 13.28 8.39 2.14
N PRO A 30 13.92 7.25 1.85
CA PRO A 30 13.21 5.96 1.92
C PRO A 30 12.75 5.56 3.33
N GLU A 31 13.36 6.07 4.40
CA GLU A 31 12.89 5.76 5.75
C GLU A 31 11.66 6.63 6.03
N LEU A 32 10.53 6.26 5.36
CA LEU A 32 9.35 7.10 5.28
C LEU A 32 8.43 6.89 6.49
N PRO A 33 7.76 7.95 6.93
CA PRO A 33 6.70 7.77 7.93
C PRO A 33 5.68 6.69 7.60
N GLN A 34 5.27 6.61 6.32
CA GLN A 34 4.27 5.63 5.90
C GLN A 34 4.77 4.19 5.93
N ARG A 35 6.04 3.93 6.23
CA ARG A 35 6.46 2.54 6.41
C ARG A 35 5.57 1.84 7.44
N ILE A 36 5.32 2.50 8.58
CA ILE A 36 4.58 1.78 9.62
C ILE A 36 3.07 1.82 9.35
N SER A 37 2.54 2.91 8.79
CA SER A 37 1.11 2.93 8.51
C SER A 37 0.75 1.94 7.41
N ARG A 38 1.65 1.75 6.43
CA ARG A 38 1.40 0.78 5.38
C ARG A 38 1.35 -0.64 5.94
N ILE A 39 2.27 -0.97 6.86
CA ILE A 39 2.25 -2.31 7.44
C ILE A 39 0.97 -2.52 8.25
N PHE A 40 0.60 -1.51 9.06
CA PHE A 40 -0.63 -1.59 9.84
C PHE A 40 -1.83 -1.78 8.93
N SER A 41 -1.91 -0.96 7.88
CA SER A 41 -3.04 -1.04 6.95
CA SER A 41 -3.04 -1.04 6.95
C SER A 41 -3.17 -2.43 6.36
N ARG A 42 -2.05 -3.06 5.98
CA ARG A 42 -2.14 -4.40 5.39
C ARG A 42 -2.63 -5.42 6.41
N HIS A 43 -2.32 -5.21 7.69
CA HIS A 43 -2.87 -6.08 8.72
C HIS A 43 -4.40 -5.95 8.79
N GLU A 44 -4.91 -4.73 8.65
CA GLU A 44 -6.37 -4.54 8.57
C GLU A 44 -6.95 -5.26 7.36
N GLU A 45 -6.32 -5.10 6.18
CA GLU A 45 -6.88 -5.67 4.96
C GLU A 45 -6.99 -7.17 5.03
N LEU A 46 -6.01 -7.82 5.65
CA LEU A 46 -5.97 -9.26 5.77
C LEU A 46 -6.76 -9.76 6.97
N ARG A 47 -7.41 -8.84 7.70
CA ARG A 47 -8.17 -9.14 8.91
C ARG A 47 -7.31 -9.85 9.95
N LEU A 48 -6.04 -9.46 10.03
CA LEU A 48 -5.15 -9.95 11.08
C LEU A 48 -5.26 -9.11 12.35
N LEU A 49 -5.60 -7.83 12.22
CA LEU A 49 -5.60 -6.92 13.37
C LEU A 49 -6.57 -7.38 14.44
N SER A 50 -7.79 -7.75 14.04
CA SER A 50 -8.79 -8.17 15.01
C SER A 50 -8.43 -9.49 15.68
N ARG A 51 -7.48 -10.24 15.13
CA ARG A 51 -7.00 -11.47 15.74
C ARG A 51 -5.91 -11.23 16.78
N CYS A 52 -5.38 -10.00 16.87
CA CYS A 52 -4.30 -9.67 17.79
C CYS A 52 -4.82 -8.85 18.97
N HIS A 53 -4.12 -8.95 20.10
CA HIS A 53 -4.36 -8.06 21.22
C HIS A 53 -3.48 -6.83 21.08
N ARG A 54 -4.10 -5.64 21.12
CA ARG A 54 -3.36 -4.41 20.97
C ARG A 54 -2.60 -4.07 22.25
N ILE A 55 -1.30 -3.89 22.13
CA ILE A 55 -0.44 -3.48 23.24
C ILE A 55 -0.18 -1.98 23.09
N PRO A 56 -0.34 -1.19 24.14
CA PRO A 56 -0.13 0.26 23.98
C PRO A 56 1.34 0.61 23.87
N ALA A 57 1.62 1.65 23.10
CA ALA A 57 2.93 2.27 23.07
C ALA A 57 3.16 3.06 24.36
N ARG A 58 4.43 3.25 24.69
CA ARG A 58 4.80 4.20 25.74
C ARG A 58 6.18 4.74 25.43
N LEU A 59 6.54 5.81 26.12
CA LEU A 59 7.89 6.34 26.04
C LEU A 59 8.84 5.50 26.88
N ALA A 60 9.99 5.13 26.30
CA ALA A 60 11.12 4.70 27.13
C ALA A 60 11.54 5.82 28.07
N THR A 61 12.02 5.45 29.26
CA THR A 61 12.58 6.45 30.16
C THR A 61 14.08 6.61 29.91
N GLU A 62 14.64 7.71 30.41
CA GLU A 62 16.07 7.93 30.30
C GLU A 62 16.86 6.84 31.04
N GLU A 63 16.36 6.39 32.20
CA GLU A 63 17.02 5.30 32.91
C GLU A 63 17.01 4.03 32.07
N GLU A 64 15.91 3.77 31.36
CA GLU A 64 15.86 2.61 30.48
C GLU A 64 16.87 2.74 29.33
N LEU A 65 16.95 3.93 28.70
CA LEU A 65 17.92 4.13 27.64
C LEU A 65 19.34 3.85 28.11
N ALA A 66 19.62 4.14 29.39
CA ALA A 66 20.95 3.95 29.93
C ALA A 66 21.30 2.48 30.14
N LEU A 67 20.36 1.56 29.90
CA LEU A 67 20.73 0.15 29.92
C LEU A 67 21.74 -0.15 28.83
N CYS A 68 21.70 0.59 27.71
CA CYS A 68 22.61 0.36 26.60
C CYS A 68 23.37 1.59 26.11
N HIS A 69 22.93 2.81 26.41
CA HIS A 69 23.53 4.01 25.83
C HIS A 69 24.18 4.90 26.88
N SER A 70 25.19 5.65 26.45
CA SER A 70 25.90 6.58 27.32
C SER A 70 25.01 7.79 27.64
N SER A 71 25.31 8.43 28.78
CA SER A 71 24.58 9.65 29.11
C SER A 71 24.87 10.76 28.10
N LYS A 72 26.07 10.77 27.54
CA LYS A 72 26.39 11.77 26.52
C LYS A 72 25.46 11.62 25.32
N HIS A 73 25.31 10.40 24.82
CA HIS A 73 24.49 10.17 23.64
C HIS A 73 23.02 10.48 23.94
N ILE A 74 22.51 9.97 25.06
CA ILE A 74 21.14 10.28 25.44
C ILE A 74 20.92 11.79 25.48
N SER A 75 21.86 12.52 26.09
CA SER A 75 21.69 13.96 26.26
C SER A 75 21.69 14.68 24.92
N ILE A 76 22.52 14.23 23.98
CA ILE A 76 22.59 14.92 22.70
C ILE A 76 21.31 14.70 21.90
N ILE A 77 20.83 13.45 21.81
CA ILE A 77 19.61 13.22 21.05
C ILE A 77 18.43 13.91 21.71
N LYS A 78 18.35 13.84 23.04
CA LYS A 78 17.28 14.55 23.76
C LYS A 78 17.28 16.03 23.42
N SER A 79 18.47 16.64 23.34
CA SER A 79 18.54 18.07 23.09
C SER A 79 18.05 18.45 21.69
N SER A 80 18.05 17.51 20.74
CA SER A 80 17.60 17.84 19.40
C SER A 80 16.12 18.18 19.35
N GLU A 81 15.34 17.75 20.35
CA GLU A 81 13.91 18.05 20.37
C GLU A 81 13.65 19.54 20.31
N HIS A 82 14.58 20.36 20.81
CA HIS A 82 14.38 21.79 20.89
C HIS A 82 15.33 22.56 19.95
N MET A 83 15.96 21.89 18.99
CA MET A 83 16.90 22.58 18.12
C MET A 83 16.20 23.20 16.93
N LYS A 84 16.75 24.34 16.49
CA LYS A 84 16.27 24.97 15.27
C LYS A 84 16.78 24.18 14.07
N PRO A 85 16.12 24.31 12.91
CA PRO A 85 16.51 23.51 11.73
C PRO A 85 18.00 23.55 11.42
N ARG A 86 18.64 24.72 11.58
CA ARG A 86 20.06 24.81 11.28
C ARG A 86 20.87 23.84 12.14
N ASP A 87 20.59 23.80 13.44
CA ASP A 87 21.33 22.88 14.30
C ASP A 87 20.90 21.44 14.07
N LEU A 88 19.64 21.20 13.68
CA LEU A 88 19.20 19.85 13.34
C LEU A 88 19.98 19.32 12.14
N ASN A 89 20.01 20.10 11.05
CA ASN A 89 20.75 19.65 9.88
C ASN A 89 22.22 19.46 10.22
N ARG A 90 22.79 20.37 11.01
CA ARG A 90 24.19 20.25 11.38
C ARG A 90 24.42 19.04 12.26
N LEU A 91 23.59 18.83 13.28
CA LEU A 91 23.78 17.67 14.14
C LEU A 91 23.65 16.38 13.36
N GLY A 92 22.63 16.27 12.52
CA GLY A 92 22.43 15.05 11.76
C GLY A 92 23.60 14.74 10.84
N ASP A 93 24.18 15.78 10.24
CA ASP A 93 25.27 15.59 9.29
C ASP A 93 26.55 15.11 9.97
N GLU A 94 26.63 15.22 11.30
CA GLU A 94 27.77 14.72 12.06
C GLU A 94 27.77 13.20 12.20
N TYR A 95 26.60 12.57 12.10
CA TYR A 95 26.53 11.12 12.17
C TYR A 95 26.64 10.50 10.78
N ASN A 96 26.86 9.19 10.76
CA ASN A 96 26.81 8.43 9.52
C ASN A 96 25.34 8.15 9.16
N SER A 97 24.83 8.82 8.12
CA SER A 97 23.50 8.54 7.56
C SER A 97 22.37 8.68 8.58
N ILE A 98 22.20 9.92 9.06
CA ILE A 98 21.13 10.27 9.99
C ILE A 98 20.47 11.57 9.55
N PHE A 99 19.13 11.61 9.56
CA PHE A 99 18.37 12.85 9.53
C PHE A 99 17.57 12.99 10.82
N ILE A 100 17.36 14.24 11.25
CA ILE A 100 16.71 14.53 12.53
C ILE A 100 15.67 15.61 12.33
N SER A 101 14.50 15.42 12.95
CA SER A 101 13.50 16.46 13.10
C SER A 101 13.24 16.67 14.59
N ASN A 102 12.42 17.68 14.92
CA ASN A 102 12.17 17.96 16.32
C ASN A 102 11.39 16.83 16.99
N GLU A 103 10.75 15.97 16.19
CA GLU A 103 9.97 14.84 16.71
C GLU A 103 10.79 13.55 16.83
N SER A 104 12.05 13.55 16.39
CA SER A 104 12.82 12.32 16.27
C SER A 104 13.04 11.65 17.63
N TYR A 105 13.45 12.44 18.63
CA TYR A 105 13.72 11.88 19.95
C TYR A 105 12.49 11.19 20.52
N THR A 106 11.33 11.86 20.45
CA THR A 106 10.09 11.26 20.94
C THR A 106 9.76 9.96 20.21
N CYS A 107 9.95 9.94 18.89
CA CYS A 107 9.60 8.73 18.15
C CYS A 107 10.53 7.58 18.50
N ALA A 108 11.82 7.86 18.67
CA ALA A 108 12.75 6.83 19.13
C ALA A 108 12.36 6.33 20.52
N LEU A 109 11.88 7.22 21.40
CA LEU A 109 11.46 6.77 22.72
C LEU A 109 10.23 5.87 22.62
N LEU A 110 9.29 6.24 21.74
CA LEU A 110 8.10 5.42 21.56
C LEU A 110 8.43 4.06 20.96
N ALA A 111 9.32 4.03 19.97
CA ALA A 111 9.71 2.74 19.40
C ALA A 111 10.27 1.82 20.48
N ALA A 112 11.15 2.34 21.33
CA ALA A 112 11.73 1.50 22.38
C ALA A 112 10.69 1.09 23.43
N GLY A 113 9.93 2.07 23.95
CA GLY A 113 8.93 1.74 24.97
C GLY A 113 7.83 0.81 24.48
N SER A 114 7.46 0.92 23.20
CA SER A 114 6.52 -0.04 22.61
C SER A 114 7.06 -1.46 22.71
N CYS A 115 8.35 -1.64 22.42
CA CYS A 115 8.95 -2.96 22.50
C CYS A 115 9.12 -3.43 23.94
N PHE A 116 9.40 -2.51 24.88
CA PHE A 116 9.43 -2.90 26.29
C PHE A 116 8.06 -3.44 26.72
N ASN A 117 6.99 -2.73 26.37
CA ASN A 117 5.64 -3.17 26.74
C ASN A 117 5.33 -4.52 26.11
N SER A 118 5.79 -4.74 24.87
CA SER A 118 5.56 -6.02 24.21
C SER A 118 6.33 -7.14 24.90
N ALA A 119 7.61 -6.91 25.19
CA ALA A 119 8.39 -7.91 25.92
C ALA A 119 7.77 -8.20 27.28
N GLN A 120 7.27 -7.16 27.97
CA GLN A 120 6.65 -7.40 29.27
C GLN A 120 5.39 -8.25 29.12
N ALA A 121 4.59 -7.95 28.10
CA ALA A 121 3.38 -8.73 27.86
C ALA A 121 3.71 -10.19 27.62
N ILE A 122 4.81 -10.48 26.91
CA ILE A 122 5.21 -11.86 26.66
C ILE A 122 5.70 -12.51 27.95
N LEU A 123 6.55 -11.81 28.69
CA LEU A 123 7.19 -12.42 29.85
C LEU A 123 6.27 -12.54 31.05
N THR A 124 5.15 -11.82 31.07
CA THR A 124 4.15 -11.98 32.12
C THR A 124 3.04 -12.93 31.73
N GLY A 125 3.12 -13.54 30.54
CA GLY A 125 2.13 -14.48 30.09
C GLY A 125 0.83 -13.86 29.61
N GLN A 126 0.81 -12.56 29.33
CA GLN A 126 -0.40 -11.92 28.81
C GLN A 126 -0.62 -12.23 27.34
N VAL A 127 0.46 -12.40 26.56
CA VAL A 127 0.42 -12.89 25.20
C VAL A 127 1.51 -13.94 25.06
N ARG A 128 1.38 -14.77 24.02
CA ARG A 128 2.44 -15.76 23.76
C ARG A 128 3.57 -15.13 22.99
N ASN A 129 3.24 -14.21 22.08
CA ASN A 129 4.23 -13.65 21.17
C ASN A 129 3.69 -12.31 20.69
N ALA A 130 4.49 -11.56 19.92
CA ALA A 130 4.07 -10.20 19.58
C ALA A 130 4.81 -9.66 18.38
N VAL A 131 4.22 -8.65 17.75
CA VAL A 131 4.83 -7.92 16.64
C VAL A 131 4.82 -6.42 16.95
N ALA A 132 5.93 -5.74 16.66
CA ALA A 132 6.07 -4.32 16.97
C ALA A 132 6.33 -3.54 15.68
N ILE A 133 5.35 -2.73 15.28
CA ILE A 133 5.40 -1.96 14.02
C ILE A 133 5.89 -0.56 14.41
N VAL A 134 7.21 -0.37 14.41
CA VAL A 134 7.83 0.80 15.01
C VAL A 134 8.84 1.42 14.05
N ARG A 135 9.08 2.73 14.24
CA ARG A 135 10.16 3.45 13.59
C ARG A 135 10.49 4.67 14.45
N PRO A 136 11.69 5.26 14.30
CA PRO A 136 12.83 4.86 13.46
C PRO A 136 13.41 3.52 13.89
N PRO A 137 14.22 2.87 13.03
CA PRO A 137 14.84 1.59 13.39
C PRO A 137 15.92 1.74 14.46
N GLY A 138 16.50 0.63 14.89
CA GLY A 138 17.46 0.69 15.99
C GLY A 138 18.81 0.01 15.84
N HIS A 139 18.98 -0.99 14.95
CA HIS A 139 20.10 -1.91 15.14
C HIS A 139 21.46 -1.35 14.75
N HIS A 140 21.53 -0.21 14.07
CA HIS A 140 22.80 0.44 13.78
C HIS A 140 23.24 1.37 14.91
N ALA A 141 22.36 1.69 15.86
CA ALA A 141 22.71 2.62 16.92
C ALA A 141 23.69 1.98 17.88
N GLU A 142 24.73 2.71 18.25
CA GLU A 142 25.77 2.25 19.15
C GLU A 142 25.54 2.79 20.55
N LYS A 143 26.36 2.31 21.50
CA LYS A 143 26.27 2.83 22.86
C LYS A 143 26.36 4.35 22.87
N ASP A 144 27.27 4.92 22.08
CA ASP A 144 27.62 6.33 22.19
C ASP A 144 27.29 7.17 20.96
N THR A 145 26.56 6.62 19.97
CA THR A 145 26.30 7.41 18.77
C THR A 145 25.13 6.83 17.98
N ALA A 146 24.46 7.71 17.23
CA ALA A 146 23.44 7.32 16.27
C ALA A 146 24.11 6.95 14.93
N CYS A 147 23.39 6.18 14.12
CA CYS A 147 23.96 5.65 12.88
C CYS A 147 22.86 5.03 12.02
N GLY A 148 22.96 5.21 10.71
CA GLY A 148 22.17 4.41 9.80
C GLY A 148 20.67 4.45 10.02
N PHE A 149 20.12 5.64 10.20
CA PHE A 149 18.69 5.93 10.41
C PHE A 149 18.27 5.60 11.85
N CYS A 150 19.19 5.18 12.72
CA CYS A 150 18.87 4.66 14.04
C CYS A 150 19.41 5.57 15.13
N PHE A 151 18.58 5.85 16.14
CA PHE A 151 18.98 6.70 17.26
C PHE A 151 19.34 5.92 18.52
N PHE A 152 18.43 5.05 18.97
CA PHE A 152 18.69 4.17 20.09
C PHE A 152 18.46 2.74 19.64
N ASN A 153 19.18 1.79 20.25
CA ASN A 153 19.12 0.41 19.77
C ASN A 153 17.96 -0.30 20.44
N THR A 154 16.79 -0.19 19.81
CA THR A 154 15.54 -0.73 20.33
C THR A 154 15.64 -2.21 20.72
N ALA A 155 16.19 -3.05 19.83
CA ALA A 155 16.27 -4.48 20.14
C ALA A 155 17.23 -4.75 21.30
N ALA A 156 18.36 -4.06 21.31
CA ALA A 156 19.32 -4.26 22.39
C ALA A 156 18.75 -3.80 23.72
N LEU A 157 18.08 -2.65 23.71
CA LEU A 157 17.42 -2.14 24.91
C LEU A 157 16.33 -3.10 25.40
N THR A 158 15.60 -3.69 24.45
CA THR A 158 14.54 -4.62 24.83
C THR A 158 15.12 -5.87 25.49
N ALA A 159 16.28 -6.35 25.02
CA ALA A 159 16.91 -7.49 25.68
C ALA A 159 17.30 -7.14 27.11
N ARG A 160 17.90 -5.96 27.31
CA ARG A 160 18.28 -5.56 28.66
C ARG A 160 17.06 -5.26 29.53
N TYR A 161 16.02 -4.66 28.93
CA TYR A 161 14.79 -4.45 29.69
C TYR A 161 14.21 -5.78 30.14
N ALA A 162 14.18 -6.76 29.23
CA ALA A 162 13.65 -8.08 29.58
C ALA A 162 14.40 -8.68 30.76
N GLN A 163 15.74 -8.61 30.72
CA GLN A 163 16.54 -9.08 31.85
C GLN A 163 16.21 -8.31 33.12
N SER A 164 15.99 -7.00 33.01
CA SER A 164 15.72 -6.17 34.19
C SER A 164 14.43 -6.53 34.89
N ILE A 165 13.43 -7.10 34.19
CA ILE A 165 12.17 -7.48 34.83
C ILE A 165 12.05 -8.99 35.08
N THR A 166 13.09 -9.77 34.77
CA THR A 166 13.05 -11.21 35.04
C THR A 166 14.27 -11.54 35.87
N ARG A 167 15.35 -12.02 35.26
CA ARG A 167 16.62 -12.13 35.98
C ARG A 167 17.72 -11.64 35.07
N GLU A 168 18.78 -11.11 35.69
CA GLU A 168 19.80 -10.39 34.92
C GLU A 168 20.42 -11.27 33.84
N SER A 169 20.46 -12.59 34.06
CA SER A 169 21.11 -13.51 33.13
C SER A 169 20.11 -14.22 32.21
N LEU A 170 18.88 -13.72 32.10
CA LEU A 170 17.92 -14.30 31.16
C LEU A 170 18.55 -14.43 29.77
N ARG A 171 18.44 -15.62 29.19
CA ARG A 171 19.06 -15.91 27.89
C ARG A 171 18.15 -15.35 26.81
N VAL A 172 18.64 -14.32 26.12
CA VAL A 172 17.89 -13.69 25.04
C VAL A 172 18.62 -13.97 23.73
N LEU A 173 17.89 -14.50 22.76
CA LEU A 173 18.41 -14.61 21.39
C LEU A 173 17.90 -13.44 20.57
N ILE A 174 18.80 -12.76 19.87
CA ILE A 174 18.43 -11.74 18.88
C ILE A 174 18.82 -12.29 17.52
N VAL A 175 17.83 -12.54 16.66
CA VAL A 175 18.08 -12.92 15.28
C VAL A 175 17.82 -11.69 14.43
N ASP A 176 18.82 -11.27 13.68
CA ASP A 176 18.77 -10.01 12.94
C ASP A 176 18.75 -10.38 11.45
N TRP A 177 17.56 -10.37 10.84
CA TRP A 177 17.48 -10.73 9.43
C TRP A 177 17.29 -9.52 8.51
N ASP A 178 17.40 -8.31 9.06
CA ASP A 178 17.61 -7.13 8.23
C ASP A 178 18.77 -7.42 7.27
N VAL A 179 18.71 -6.85 6.07
CA VAL A 179 19.77 -7.16 5.09
C VAL A 179 21.11 -6.53 5.46
N HIS A 180 21.10 -5.56 6.38
CA HIS A 180 22.33 -4.93 6.85
C HIS A 180 22.77 -5.51 8.19
N HIS A 181 24.08 -5.49 8.42
CA HIS A 181 24.61 -5.93 9.71
C HIS A 181 24.18 -4.99 10.82
N GLY A 182 23.73 -5.55 11.93
CA GLY A 182 23.43 -4.73 13.10
C GLY A 182 24.67 -4.43 13.91
N ASN A 183 25.49 -3.50 13.42
CA ASN A 183 26.77 -3.22 14.08
C ASN A 183 26.59 -2.84 15.54
N GLY A 184 25.54 -2.08 15.85
CA GLY A 184 25.33 -1.65 17.22
C GLY A 184 24.96 -2.80 18.13
N THR A 185 24.06 -3.69 17.66
CA THR A 185 23.68 -4.82 18.49
C THR A 185 24.88 -5.74 18.74
N GLN A 186 25.68 -6.00 17.71
CA GLN A 186 26.88 -6.81 17.91
C GLN A 186 27.79 -6.19 18.97
N HIS A 187 28.08 -4.89 18.84
CA HIS A 187 29.01 -4.25 19.77
C HIS A 187 28.48 -4.23 21.19
N ILE A 188 27.19 -3.90 21.36
CA ILE A 188 26.63 -3.80 22.70
C ILE A 188 26.76 -5.13 23.44
N PHE A 189 26.60 -6.25 22.75
CA PHE A 189 26.64 -7.55 23.43
C PHE A 189 27.92 -8.34 23.14
N GLU A 190 28.96 -7.71 22.58
CA GLU A 190 30.07 -8.50 22.05
C GLU A 190 30.77 -9.29 23.14
N GLU A 191 30.79 -8.78 24.38
CA GLU A 191 31.42 -9.48 25.50
C GLU A 191 30.42 -10.16 26.42
N ASP A 192 29.23 -10.46 25.92
CA ASP A 192 28.13 -10.94 26.76
C ASP A 192 27.72 -12.34 26.32
N ASP A 193 27.65 -13.26 27.28
CA ASP A 193 27.16 -14.60 26.99
C ASP A 193 25.68 -14.78 27.30
N SER A 194 24.99 -13.74 27.79
CA SER A 194 23.58 -13.87 28.08
C SER A 194 22.70 -13.46 26.91
N VAL A 195 23.25 -12.77 25.93
CA VAL A 195 22.50 -12.34 24.76
C VAL A 195 23.25 -12.88 23.54
N LEU A 196 22.64 -13.84 22.85
CA LEU A 196 23.21 -14.44 21.65
C LEU A 196 22.74 -13.62 20.45
N TYR A 197 23.68 -13.05 19.70
CA TYR A 197 23.36 -12.25 18.52
C TYR A 197 23.68 -13.08 17.28
N ILE A 198 22.67 -13.29 16.43
CA ILE A 198 22.86 -13.96 15.15
C ILE A 198 22.34 -13.03 14.07
N SER A 199 23.22 -12.62 13.15
CA SER A 199 22.86 -11.73 12.05
C SER A 199 23.15 -12.39 10.71
N LEU A 200 22.20 -12.29 9.79
CA LEU A 200 22.42 -12.58 8.39
C LEU A 200 22.42 -11.26 7.64
N HIS A 201 23.36 -11.08 6.70
CA HIS A 201 23.44 -9.76 6.09
C HIS A 201 24.25 -9.82 4.80
N ARG A 202 23.88 -8.97 3.86
CA ARG A 202 24.71 -8.72 2.70
C ARG A 202 26.01 -8.04 3.14
N TYR A 203 27.15 -8.63 2.78
CA TYR A 203 28.47 -8.16 3.23
C TYR A 203 29.34 -7.67 2.09
N GLU A 204 29.51 -8.48 1.05
CA GLU A 204 30.29 -8.10 -0.14
C GLU A 204 31.71 -7.68 0.26
N ASP A 205 32.36 -8.51 1.08
CA ASP A 205 33.73 -8.29 1.56
C ASP A 205 33.91 -6.91 2.19
N GLY A 206 32.86 -6.37 2.79
CA GLY A 206 32.94 -5.11 3.49
C GLY A 206 32.48 -3.88 2.74
N ALA A 207 32.03 -4.03 1.48
CA ALA A 207 31.63 -2.87 0.68
C ALA A 207 30.18 -2.46 0.92
N PHE A 208 29.37 -3.31 1.54
CA PHE A 208 27.96 -3.01 1.77
C PHE A 208 27.79 -2.33 3.13
N PHE A 209 26.90 -1.34 3.19
CA PHE A 209 26.62 -0.65 4.46
C PHE A 209 26.37 -1.69 5.56
N PRO A 210 26.95 -1.50 6.78
CA PRO A 210 27.66 -0.31 7.26
C PRO A 210 29.17 -0.31 6.99
N ASN A 211 29.66 -1.17 6.09
CA ASN A 211 30.99 -0.98 5.48
C ASN A 211 32.13 -1.28 6.44
N SER A 212 31.94 -2.26 7.31
CA SER A 212 32.94 -2.61 8.31
C SER A 212 33.18 -4.10 8.31
N GLU A 213 34.45 -4.51 8.42
CA GLU A 213 34.73 -5.92 8.53
C GLU A 213 34.33 -6.52 9.88
N ASP A 214 33.83 -5.69 10.82
CA ASP A 214 33.16 -6.22 12.01
C ASP A 214 32.06 -7.19 11.67
N ALA A 215 31.51 -7.13 10.46
CA ALA A 215 30.41 -7.96 10.03
C ALA A 215 30.83 -9.33 9.52
N ASN A 216 32.12 -9.64 9.48
CA ASN A 216 32.53 -10.88 8.87
C ASN A 216 32.34 -12.06 9.83
N TYR A 217 32.39 -13.28 9.26
CA TYR A 217 32.07 -14.49 10.00
C TYR A 217 33.07 -14.77 11.11
N ASP A 218 34.29 -14.22 11.03
CA ASP A 218 35.28 -14.56 12.04
C ASP A 218 35.14 -13.73 13.32
N LYS A 219 34.17 -12.82 13.40
CA LYS A 219 33.93 -12.08 14.64
C LYS A 219 32.93 -12.88 15.46
N VAL A 220 33.46 -13.59 16.48
CA VAL A 220 32.68 -14.57 17.21
C VAL A 220 32.40 -14.14 18.64
N GLY A 221 32.81 -12.95 19.05
CA GLY A 221 32.61 -12.53 20.42
C GLY A 221 33.94 -12.44 21.18
N LEU A 222 33.91 -11.71 22.29
CA LEU A 222 35.09 -11.41 23.08
C LEU A 222 34.87 -11.83 24.52
N GLY A 223 35.95 -12.29 25.17
CA GLY A 223 35.85 -12.64 26.59
C GLY A 223 34.80 -13.70 26.85
N LYS A 224 33.98 -13.45 27.89
CA LYS A 224 32.88 -14.34 28.22
C LYS A 224 31.94 -14.54 27.02
N GLY A 225 31.92 -13.58 26.10
CA GLY A 225 31.06 -13.67 24.92
C GLY A 225 31.60 -14.47 23.77
N ARG A 226 32.77 -15.12 23.92
CA ARG A 226 33.33 -15.91 22.82
C ARG A 226 32.36 -17.02 22.45
N GLY A 227 31.90 -17.00 21.19
CA GLY A 227 30.94 -17.94 20.69
C GLY A 227 29.52 -17.43 20.63
N TYR A 228 29.24 -16.24 21.20
CA TYR A 228 27.87 -15.75 21.30
C TYR A 228 27.60 -14.60 20.36
N ASN A 229 28.40 -14.46 19.30
CA ASN A 229 28.17 -13.55 18.19
C ASN A 229 28.35 -14.33 16.91
N VAL A 230 27.28 -14.43 16.11
CA VAL A 230 27.28 -15.27 14.91
C VAL A 230 26.93 -14.39 13.73
N ASN A 231 27.92 -14.09 12.89
CA ASN A 231 27.71 -13.31 11.67
C ASN A 231 27.62 -14.27 10.49
N ILE A 232 26.56 -14.14 9.71
CA ILE A 232 26.39 -14.93 8.49
C ILE A 232 26.44 -13.99 7.30
N PRO A 233 27.61 -13.78 6.68
CA PRO A 233 27.77 -12.74 5.67
C PRO A 233 27.61 -13.27 4.26
N TRP A 234 26.81 -12.59 3.44
CA TRP A 234 26.57 -12.99 2.06
C TRP A 234 27.47 -12.21 1.12
N ASN A 235 28.03 -12.91 0.12
CA ASN A 235 28.89 -12.30 -0.87
C ASN A 235 28.46 -12.76 -2.25
N GLY A 236 28.52 -11.85 -3.22
CA GLY A 236 28.25 -12.20 -4.60
C GLY A 236 26.80 -12.12 -4.98
N GLY A 237 26.19 -10.94 -4.84
CA GLY A 237 24.90 -10.69 -5.46
C GLY A 237 23.69 -11.34 -4.80
N LYS A 238 22.69 -11.62 -5.65
CA LYS A 238 21.34 -11.93 -5.19
CA LYS A 238 21.34 -11.93 -5.19
C LYS A 238 21.29 -13.19 -4.33
N MET A 239 20.59 -13.08 -3.20
CA MET A 239 20.30 -14.16 -2.27
C MET A 239 18.78 -14.15 -2.06
N GLY A 240 18.21 -15.32 -1.76
CA GLY A 240 16.77 -15.43 -1.56
C GLY A 240 16.39 -16.57 -0.62
N ASP A 241 15.18 -17.08 -0.78
CA ASP A 241 14.66 -18.12 0.11
C ASP A 241 15.59 -19.32 0.26
N PRO A 242 16.16 -19.90 -0.81
CA PRO A 242 17.00 -21.09 -0.59
C PRO A 242 18.19 -20.83 0.31
N GLU A 243 18.83 -19.67 0.14
CA GLU A 243 20.00 -19.35 0.95
C GLU A 243 19.62 -19.13 2.41
N TYR A 244 18.53 -18.39 2.65
CA TYR A 244 18.12 -18.14 4.03
C TYR A 244 17.65 -19.41 4.71
N MET A 245 16.94 -20.28 3.97
CA MET A 245 16.50 -21.52 4.59
C MET A 245 17.69 -22.42 4.90
N ALA A 246 18.70 -22.43 4.03
CA ALA A 246 19.90 -23.22 4.31
C ALA A 246 20.62 -22.71 5.54
N ALA A 247 20.80 -21.39 5.65
CA ALA A 247 21.45 -20.81 6.82
C ALA A 247 20.70 -21.13 8.10
N PHE A 248 19.36 -21.10 8.06
CA PHE A 248 18.60 -21.46 9.26
C PHE A 248 18.79 -22.94 9.60
N HIS A 249 18.84 -23.79 8.58
CA HIS A 249 18.94 -25.24 8.82
C HIS A 249 20.32 -25.60 9.38
N HIS A 250 21.38 -25.05 8.79
CA HIS A 250 22.74 -25.43 9.16
C HIS A 250 23.32 -24.62 10.30
N LEU A 251 22.81 -23.41 10.56
CA LEU A 251 23.47 -22.53 11.50
C LEU A 251 22.52 -21.96 12.56
N VAL A 252 21.51 -21.20 12.13
CA VAL A 252 20.69 -20.45 13.10
C VAL A 252 19.99 -21.40 14.06
N MET A 253 19.33 -22.44 13.54
CA MET A 253 18.46 -23.19 14.42
C MET A 253 19.27 -24.17 15.29
N PRO A 254 20.29 -24.86 14.77
CA PRO A 254 21.11 -25.69 15.67
C PRO A 254 21.73 -24.90 16.82
N ILE A 255 22.26 -23.71 16.52
CA ILE A 255 22.88 -22.89 17.56
C ILE A 255 21.83 -22.41 18.55
N ALA A 256 20.71 -21.89 18.03
CA ALA A 256 19.68 -21.34 18.92
C ALA A 256 19.11 -22.42 19.83
N ARG A 257 18.94 -23.64 19.30
CA ARG A 257 18.40 -24.71 20.13
C ARG A 257 19.36 -25.08 21.26
N GLU A 258 20.66 -25.00 20.99
CA GLU A 258 21.64 -25.33 22.01
C GLU A 258 21.74 -24.23 23.05
N PHE A 259 21.67 -22.97 22.61
CA PHE A 259 21.62 -21.83 23.52
C PHE A 259 20.40 -21.89 24.44
N ALA A 260 19.27 -22.44 23.95
CA ALA A 260 18.01 -22.55 24.68
C ALA A 260 17.56 -21.20 25.22
N PRO A 261 17.23 -20.26 24.34
CA PRO A 261 16.81 -18.94 24.81
C PRO A 261 15.52 -19.00 25.62
N GLU A 262 15.36 -18.01 26.50
CA GLU A 262 14.14 -17.82 27.25
C GLU A 262 13.26 -16.74 26.61
N LEU A 263 13.81 -16.02 25.64
CA LEU A 263 13.07 -15.02 24.88
C LEU A 263 13.78 -14.85 23.56
N VAL A 264 13.02 -14.74 22.46
CA VAL A 264 13.57 -14.49 21.14
C VAL A 264 13.11 -13.12 20.68
N LEU A 265 14.05 -12.27 20.30
CA LEU A 265 13.76 -10.99 19.65
C LEU A 265 14.21 -11.11 18.22
N VAL A 266 13.37 -10.67 17.27
CA VAL A 266 13.78 -10.61 15.87
C VAL A 266 13.97 -9.15 15.50
N SER A 267 15.20 -8.80 15.10
CA SER A 267 15.48 -7.52 14.44
C SER A 267 15.02 -7.74 13.02
N ALA A 268 13.74 -7.44 12.79
CA ALA A 268 13.04 -7.88 11.58
C ALA A 268 12.99 -6.72 10.59
N GLY A 269 14.13 -6.46 9.95
CA GLY A 269 14.11 -5.63 8.76
C GLY A 269 13.61 -6.43 7.57
N PHE A 270 12.95 -5.75 6.65
CA PHE A 270 12.42 -6.42 5.48
C PHE A 270 13.05 -5.88 4.22
N ASP A 271 14.31 -5.43 4.34
CA ASP A 271 15.03 -4.93 3.18
C ASP A 271 15.82 -6.03 2.45
N ALA A 272 15.78 -7.27 2.92
CA ALA A 272 16.21 -8.38 2.07
C ALA A 272 15.10 -8.87 1.15
N ALA A 273 13.95 -8.22 1.16
CA ALA A 273 12.79 -8.72 0.44
C ALA A 273 12.89 -8.43 -1.06
N ARG A 274 12.32 -9.32 -1.85
CA ARG A 274 12.09 -9.03 -3.27
C ARG A 274 11.42 -7.67 -3.41
N GLY A 275 11.96 -6.82 -4.29
CA GLY A 275 11.43 -5.50 -4.52
C GLY A 275 12.10 -4.38 -3.75
N ASP A 276 12.94 -4.69 -2.77
CA ASP A 276 13.53 -3.61 -1.97
C ASP A 276 14.48 -2.78 -2.83
N PRO A 277 14.41 -1.45 -2.76
CA PRO A 277 15.30 -0.60 -3.59
C PRO A 277 16.76 -0.60 -3.13
N LEU A 278 17.04 -1.06 -1.91
CA LEU A 278 18.36 -0.96 -1.30
C LEU A 278 19.04 -2.30 -1.06
N GLY A 279 18.27 -3.35 -0.76
CA GLY A 279 18.88 -4.63 -0.44
C GLY A 279 19.42 -5.44 -1.60
N GLY A 280 18.73 -5.43 -2.75
CA GLY A 280 19.16 -6.23 -3.87
C GLY A 280 18.96 -7.73 -3.73
N PHE A 281 18.22 -8.19 -2.72
CA PHE A 281 17.92 -9.59 -2.49
C PHE A 281 16.48 -9.90 -2.89
N GLN A 282 16.08 -11.18 -2.73
CA GLN A 282 14.77 -11.62 -3.20
C GLN A 282 14.11 -12.61 -2.24
N VAL A 283 14.23 -12.38 -0.93
CA VAL A 283 13.46 -13.16 0.02
C VAL A 283 11.98 -12.83 -0.16
N THR A 284 11.14 -13.86 -0.16
CA THR A 284 9.71 -13.71 -0.43
C THR A 284 8.92 -13.64 0.88
N PRO A 285 7.66 -13.17 0.84
CA PRO A 285 6.86 -13.19 2.07
C PRO A 285 6.68 -14.58 2.62
N GLU A 286 6.57 -15.60 1.75
CA GLU A 286 6.53 -16.97 2.23
C GLU A 286 7.84 -17.35 2.91
N GLY A 287 8.97 -16.83 2.42
CA GLY A 287 10.24 -17.11 3.06
C GLY A 287 10.30 -16.57 4.47
N TYR A 288 9.87 -15.31 4.65
CA TYR A 288 9.85 -14.74 6.00
C TYR A 288 8.90 -15.50 6.91
N ALA A 289 7.78 -16.00 6.37
CA ALA A 289 6.86 -16.78 7.20
C ALA A 289 7.54 -18.04 7.71
N HIS A 290 8.34 -18.69 6.85
CA HIS A 290 9.01 -19.90 7.28
C HIS A 290 10.09 -19.61 8.32
N LEU A 291 10.83 -18.50 8.18
CA LEU A 291 11.79 -18.14 9.22
C LEU A 291 11.09 -17.87 10.54
N THR A 292 9.95 -17.16 10.51
CA THR A 292 9.18 -16.92 11.72
C THR A 292 8.74 -18.22 12.35
N HIS A 293 8.15 -19.10 11.53
CA HIS A 293 7.62 -20.36 12.04
C HIS A 293 8.71 -21.20 12.71
N GLN A 294 9.92 -21.16 12.15
CA GLN A 294 11.02 -21.91 12.77
C GLN A 294 11.40 -21.32 14.12
N LEU A 295 11.49 -19.99 14.21
CA LEU A 295 11.83 -19.38 15.50
C LEU A 295 10.75 -19.63 16.56
N MET A 296 9.49 -19.77 16.15
CA MET A 296 8.49 -20.04 17.19
C MET A 296 8.67 -21.39 17.87
N SER A 297 9.59 -22.23 17.39
CA SER A 297 9.89 -23.48 18.08
C SER A 297 10.82 -23.28 19.27
N LEU A 298 11.31 -22.06 19.47
CA LEU A 298 12.26 -21.76 20.54
C LEU A 298 11.55 -21.01 21.66
N ALA A 299 12.16 -21.06 22.85
CA ALA A 299 11.72 -20.25 23.99
C ALA A 299 10.24 -20.43 24.31
N ALA A 300 9.71 -21.65 24.12
CA ALA A 300 8.29 -21.93 24.37
C ALA A 300 7.39 -20.99 23.57
N GLY A 301 7.87 -20.57 22.40
CA GLY A 301 7.12 -19.69 21.53
C GLY A 301 7.23 -18.20 21.82
N ARG A 302 8.07 -17.80 22.77
CA ARG A 302 8.13 -16.40 23.21
C ARG A 302 8.97 -15.59 22.23
N VAL A 303 8.31 -15.07 21.19
CA VAL A 303 8.97 -14.40 20.07
C VAL A 303 8.39 -13.01 19.93
N LEU A 304 9.26 -11.99 19.86
CA LEU A 304 8.87 -10.62 19.59
C LEU A 304 9.52 -10.15 18.30
N ILE A 305 8.70 -9.82 17.31
CA ILE A 305 9.17 -9.40 15.99
C ILE A 305 9.20 -7.88 15.96
N ILE A 306 10.39 -7.31 15.76
CA ILE A 306 10.60 -5.85 15.83
C ILE A 306 10.99 -5.33 14.46
N LEU A 307 10.18 -4.43 13.89
CA LEU A 307 10.53 -3.83 12.60
C LEU A 307 11.86 -3.07 12.67
N GLU A 308 12.77 -3.36 11.72
CA GLU A 308 13.97 -2.56 11.61
C GLU A 308 13.86 -1.81 10.28
N GLY A 309 14.64 -2.20 9.27
CA GLY A 309 14.56 -1.60 7.94
C GLY A 309 13.57 -2.28 7.01
N GLY A 310 13.70 -1.97 5.71
CA GLY A 310 12.73 -2.39 4.71
C GLY A 310 12.05 -1.20 4.07
N TYR A 311 12.22 -1.02 2.74
CA TYR A 311 11.91 0.24 2.10
C TYR A 311 11.00 0.16 0.87
N ASN A 312 10.61 -1.03 0.41
CA ASN A 312 9.53 -1.16 -0.56
C ASN A 312 8.25 -1.32 0.24
N LEU A 313 7.39 -0.30 0.20
CA LEU A 313 6.23 -0.29 1.09
C LEU A 313 5.32 -1.51 0.87
N THR A 314 5.08 -1.90 -0.38
CA THR A 314 4.29 -3.11 -0.62
C THR A 314 4.99 -4.36 -0.10
N SER A 315 6.30 -4.46 -0.32
CA SER A 315 7.06 -5.64 0.12
CA SER A 315 7.05 -5.65 0.11
C SER A 315 7.06 -5.78 1.63
N ILE A 316 7.35 -4.69 2.35
CA ILE A 316 7.41 -4.81 3.81
C ILE A 316 6.02 -5.06 4.38
N SER A 317 4.97 -4.52 3.77
CA SER A 317 3.63 -4.75 4.32
C SER A 317 3.22 -6.20 4.15
N GLU A 318 3.47 -6.77 2.97
CA GLU A 318 3.16 -8.18 2.76
C GLU A 318 4.04 -9.09 3.62
N SER A 319 5.33 -8.74 3.77
CA SER A 319 6.25 -9.61 4.46
C SER A 319 5.97 -9.63 5.96
N MET A 320 5.77 -8.46 6.56
CA MET A 320 5.53 -8.45 8.00
C MET A 320 4.17 -9.06 8.34
N SER A 321 3.16 -8.84 7.48
CA SER A 321 1.85 -9.44 7.72
CA SER A 321 1.85 -9.44 7.75
C SER A 321 1.93 -10.96 7.73
N MET A 322 2.75 -11.53 6.83
CA MET A 322 2.92 -12.99 6.81
C MET A 322 3.57 -13.49 8.09
N CYS A 323 4.51 -12.71 8.66
CA CYS A 323 5.09 -13.08 9.94
C CYS A 323 4.04 -13.10 11.04
N THR A 324 3.17 -12.08 11.08
CA THR A 324 2.12 -12.04 12.09
C THR A 324 1.17 -13.22 11.92
N SER A 325 0.86 -13.57 10.68
CA SER A 325 0.02 -14.74 10.44
C SER A 325 0.64 -16.00 11.04
N MET A 326 1.96 -16.12 10.96
CA MET A 326 2.62 -17.28 11.56
C MET A 326 2.50 -17.25 13.09
N LEU A 327 2.74 -16.09 13.70
CA LEU A 327 2.61 -15.95 15.15
C LEU A 327 1.20 -16.32 15.61
N LEU A 328 0.19 -16.01 14.80
CA LEU A 328 -1.18 -16.34 15.14
C LEU A 328 -1.48 -17.82 14.99
N GLY A 329 -0.54 -18.62 14.49
CA GLY A 329 -0.72 -20.05 14.37
C GLY A 329 -1.18 -20.54 13.02
N ASP A 330 -1.19 -19.69 12.00
CA ASP A 330 -1.57 -20.16 10.67
C ASP A 330 -0.49 -21.08 10.11
N SER A 331 -0.91 -22.00 9.25
CA SER A 331 0.02 -22.98 8.72
C SER A 331 0.98 -22.31 7.73
N PRO A 332 2.25 -22.72 7.71
CA PRO A 332 3.22 -22.07 6.82
C PRO A 332 2.86 -22.27 5.36
N PRO A 333 3.13 -21.27 4.52
CA PRO A 333 2.82 -21.39 3.10
C PRO A 333 3.83 -22.27 2.39
N SER A 334 3.48 -22.65 1.16
CA SER A 334 4.40 -23.43 0.34
C SER A 334 5.52 -22.56 -0.20
N LEU A 335 6.72 -23.13 -0.27
CA LEU A 335 7.88 -22.49 -0.86
C LEU A 335 8.16 -23.05 -2.25
N ASP A 336 8.89 -22.26 -3.04
CA ASP A 336 9.25 -22.67 -4.40
C ASP A 336 10.69 -23.17 -4.45
N THR A 339 15.12 -24.40 -5.64
CA THR A 339 16.28 -23.95 -6.43
C THR A 339 17.57 -24.24 -5.67
N PRO A 340 18.59 -24.74 -6.38
CA PRO A 340 19.89 -24.99 -5.74
C PRO A 340 20.52 -23.70 -5.25
N LEU A 341 21.31 -23.82 -4.19
CA LEU A 341 21.94 -22.66 -3.57
C LEU A 341 22.98 -22.04 -4.50
N LYS A 342 23.08 -20.71 -4.43
CA LYS A 342 24.20 -20.04 -5.06
C LYS A 342 25.48 -20.50 -4.41
N THR A 343 26.51 -20.70 -5.24
CA THR A 343 27.76 -21.26 -4.75
C THR A 343 28.28 -20.48 -3.54
N SER A 344 28.37 -19.16 -3.68
CA SER A 344 28.97 -18.35 -2.62
C SER A 344 28.19 -18.47 -1.31
N ALA A 345 26.90 -18.78 -1.37
CA ALA A 345 26.15 -18.99 -0.14
C ALA A 345 26.67 -20.21 0.61
N THR A 346 26.97 -21.29 -0.12
CA THR A 346 27.57 -22.46 0.53
C THR A 346 28.93 -22.11 1.10
N VAL A 347 29.69 -21.27 0.41
CA VAL A 347 30.97 -20.81 0.91
C VAL A 347 30.80 -20.06 2.22
N SER A 348 29.82 -19.15 2.26
CA SER A 348 29.58 -18.37 3.47
C SER A 348 29.18 -19.26 4.64
N ILE A 349 28.27 -20.21 4.40
CA ILE A 349 27.81 -21.09 5.47
C ILE A 349 28.96 -21.93 6.01
N ASN A 350 29.81 -22.44 5.12
CA ASN A 350 30.90 -23.28 5.60
C ASN A 350 31.93 -22.47 6.38
N ASN A 351 32.12 -21.20 6.02
CA ASN A 351 33.01 -20.35 6.79
C ASN A 351 32.48 -20.12 8.20
N VAL A 352 31.16 -19.94 8.34
CA VAL A 352 30.58 -19.76 9.67
C VAL A 352 30.72 -21.03 10.50
N LEU A 353 30.61 -22.18 9.85
CA LEU A 353 30.77 -23.44 10.58
C LEU A 353 32.19 -23.60 11.08
N ARG A 354 33.16 -23.14 10.28
CA ARG A 354 34.55 -23.16 10.74
C ARG A 354 34.76 -22.19 11.90
N ALA A 355 34.01 -21.10 11.93
CA ALA A 355 34.16 -20.12 13.00
C ALA A 355 33.47 -20.56 14.28
N HIS A 356 32.37 -21.32 14.20
CA HIS A 356 31.53 -21.58 15.36
C HIS A 356 31.45 -23.04 15.79
N ALA A 357 31.91 -23.99 14.98
CA ALA A 357 32.04 -25.37 15.42
C ALA A 357 32.86 -25.50 16.72
N PRO A 358 33.88 -24.67 16.95
CA PRO A 358 34.59 -24.75 18.25
C PRO A 358 33.69 -24.52 19.46
N PHE A 359 32.56 -23.81 19.30
CA PHE A 359 31.78 -23.37 20.44
C PHE A 359 30.46 -24.10 20.62
N TRP A 360 29.93 -24.75 19.59
CA TRP A 360 28.59 -25.31 19.64
C TRP A 360 28.66 -26.80 19.32
N SER A 361 28.31 -27.65 20.30
CA SER A 361 28.37 -29.09 20.09
C SER A 361 27.37 -29.59 19.05
N SER A 362 26.38 -28.77 18.69
CA SER A 362 25.48 -29.12 17.59
C SER A 362 26.09 -28.82 16.22
N LEU A 363 27.29 -28.26 16.18
CA LEU A 363 27.97 -28.01 14.91
C LEU A 363 29.16 -28.96 14.76
N PRO B 8 4.20 8.31 -29.08
CA PRO B 8 3.31 7.34 -28.45
C PRO B 8 3.37 7.47 -26.93
N ILE B 9 2.81 8.56 -26.41
CA ILE B 9 2.98 8.95 -25.01
C ILE B 9 1.69 8.69 -24.24
N THR B 10 1.82 8.20 -23.00
CA THR B 10 0.71 8.08 -22.06
C THR B 10 0.81 9.20 -21.04
N GLY B 11 -0.29 9.92 -20.83
CA GLY B 11 -0.33 10.93 -19.80
C GLY B 11 -0.84 10.39 -18.46
N LEU B 12 -0.43 11.07 -17.39
CA LEU B 12 -0.90 10.72 -16.05
C LEU B 12 -1.12 12.00 -15.26
N VAL B 13 -2.29 12.16 -14.64
CA VAL B 13 -2.54 13.31 -13.79
C VAL B 13 -2.77 12.82 -12.37
N TYR B 14 -2.11 13.48 -11.42
CA TYR B 14 -2.26 13.20 -10.00
C TYR B 14 -1.87 14.48 -9.27
N ASP B 15 -2.67 14.87 -8.30
CA ASP B 15 -2.30 16.01 -7.46
C ASP B 15 -2.64 15.67 -6.01
N GLN B 16 -1.64 15.80 -5.13
CA GLN B 16 -1.83 15.46 -3.72
C GLN B 16 -2.87 16.37 -3.03
N ARG B 17 -3.18 17.54 -3.62
CA ARG B 17 -4.19 18.41 -3.04
C ARG B 17 -5.56 17.72 -2.96
N MET B 18 -5.84 16.78 -3.87
CA MET B 18 -7.12 16.07 -3.81
C MET B 18 -7.22 15.16 -2.59
N MET B 19 -6.13 14.98 -1.82
CA MET B 19 -6.20 14.22 -0.59
C MET B 19 -6.90 15.01 0.52
N LEU B 20 -7.09 16.32 0.33
CA LEU B 20 -7.54 17.16 1.43
C LEU B 20 -9.03 16.99 1.75
N HIS B 21 -9.84 16.56 0.79
CA HIS B 21 -11.23 16.19 1.04
C HIS B 21 -11.28 15.03 2.03
N HIS B 22 -11.97 15.22 3.14
CA HIS B 22 -11.92 14.19 4.18
C HIS B 22 -13.21 14.19 4.98
N ASN B 23 -13.42 13.09 5.71
CA ASN B 23 -14.60 12.91 6.54
C ASN B 23 -14.20 13.21 7.97
N MET B 24 -14.66 14.34 8.49
CA MET B 24 -14.26 14.77 9.82
C MET B 24 -15.06 14.09 10.93
N TRP B 25 -16.05 13.26 10.59
CA TRP B 25 -16.80 12.52 11.60
C TRP B 25 -16.48 11.04 11.61
N ASP B 26 -15.93 10.50 10.53
CA ASP B 26 -15.54 9.09 10.43
C ASP B 26 -14.23 9.04 9.66
N SER B 27 -13.12 9.10 10.39
CA SER B 27 -11.82 9.15 9.74
C SER B 27 -11.48 7.87 8.99
N HIS B 28 -12.23 6.79 9.22
CA HIS B 28 -12.01 5.53 8.52
C HIS B 28 -13.05 5.28 7.44
N HIS B 29 -13.80 6.31 7.04
CA HIS B 29 -14.72 6.15 5.94
C HIS B 29 -13.95 5.65 4.72
N PRO B 30 -14.49 4.68 3.97
CA PRO B 30 -13.67 4.01 2.95
C PRO B 30 -13.27 4.88 1.77
N GLU B 31 -13.94 6.01 1.53
CA GLU B 31 -13.51 6.93 0.46
C GLU B 31 -12.40 7.80 1.03
N LEU B 32 -11.23 7.18 1.18
CA LEU B 32 -10.07 7.67 1.93
C LEU B 32 -9.19 8.57 1.07
N PRO B 33 -8.60 9.61 1.67
CA PRO B 33 -7.56 10.37 0.96
C PRO B 33 -6.47 9.51 0.36
N GLN B 34 -6.05 8.46 1.08
CA GLN B 34 -4.93 7.67 0.60
C GLN B 34 -5.33 6.76 -0.55
N ARG B 35 -6.60 6.76 -0.99
CA ARG B 35 -6.92 6.04 -2.21
C ARG B 35 -6.04 6.51 -3.36
N ILE B 36 -5.85 7.83 -3.51
CA ILE B 36 -5.10 8.28 -4.68
C ILE B 36 -3.60 8.22 -4.44
N SER B 37 -3.14 8.48 -3.20
CA SER B 37 -1.70 8.39 -2.97
C SER B 37 -1.21 6.94 -3.05
N ARG B 38 -2.08 5.98 -2.67
CA ARG B 38 -1.69 4.57 -2.77
C ARG B 38 -1.54 4.16 -4.23
N ILE B 39 -2.48 4.58 -5.08
CA ILE B 39 -2.37 4.23 -6.50
C ILE B 39 -1.13 4.85 -7.10
N PHE B 40 -0.87 6.12 -6.78
CA PHE B 40 0.32 6.82 -7.28
C PHE B 40 1.58 6.11 -6.82
N SER B 41 1.64 5.75 -5.53
CA SER B 41 2.83 5.08 -5.01
CA SER B 41 2.83 5.08 -5.01
C SER B 41 3.09 3.75 -5.72
N ARG B 42 2.04 2.99 -6.01
CA ARG B 42 2.25 1.72 -6.71
C ARG B 42 2.78 1.95 -8.12
N HIS B 43 2.35 3.03 -8.79
CA HIS B 43 2.94 3.37 -10.08
C HIS B 43 4.44 3.62 -9.97
N GLU B 44 4.88 4.24 -8.86
CA GLU B 44 6.31 4.42 -8.64
C GLU B 44 7.02 3.09 -8.45
N GLU B 45 6.48 2.22 -7.59
CA GLU B 45 7.17 0.97 -7.27
C GLU B 45 7.32 0.11 -8.51
N LEU B 46 6.36 0.16 -9.41
CA LEU B 46 6.36 -0.61 -10.65
C LEU B 46 7.10 0.12 -11.76
N ARG B 47 7.66 1.30 -11.46
CA ARG B 47 8.41 2.09 -12.42
C ARG B 47 7.59 2.44 -13.65
N LEU B 48 6.28 2.63 -13.46
CA LEU B 48 5.43 3.13 -14.52
C LEU B 48 5.41 4.65 -14.58
N LEU B 49 5.63 5.32 -13.45
CA LEU B 49 5.48 6.77 -13.40
C LEU B 49 6.44 7.46 -14.37
N SER B 50 7.73 7.10 -14.31
CA SER B 50 8.70 7.72 -15.21
C SER B 50 8.44 7.43 -16.68
N ARG B 51 7.55 6.47 -17.01
CA ARG B 51 7.24 6.17 -18.39
C ARG B 51 6.10 7.02 -18.93
N CYS B 52 5.42 7.75 -18.05
CA CYS B 52 4.30 8.61 -18.41
C CYS B 52 4.72 10.06 -18.44
N HIS B 53 3.98 10.85 -19.22
CA HIS B 53 4.11 12.30 -19.14
C HIS B 53 3.12 12.84 -18.13
N ARG B 54 3.61 13.67 -17.21
CA ARG B 54 2.75 14.22 -16.18
C ARG B 54 1.90 15.37 -16.73
N ILE B 55 0.58 15.21 -16.70
CA ILE B 55 -0.35 16.27 -17.09
C ILE B 55 -0.73 17.06 -15.85
N PRO B 56 -0.67 18.39 -15.88
CA PRO B 56 -0.96 19.16 -14.67
C PRO B 56 -2.44 19.14 -14.33
N ALA B 57 -2.74 19.07 -13.04
CA ALA B 57 -4.10 19.30 -12.56
C ALA B 57 -4.47 20.77 -12.74
N ARG B 58 -5.77 21.03 -12.84
CA ARG B 58 -6.26 22.41 -12.72
C ARG B 58 -7.66 22.37 -12.13
N LEU B 59 -8.10 23.53 -11.63
CA LEU B 59 -9.48 23.70 -11.20
C LEU B 59 -10.41 23.83 -12.40
N ALA B 60 -11.52 23.10 -12.36
CA ALA B 60 -12.62 23.41 -13.26
C ALA B 60 -13.19 24.79 -12.93
N THR B 61 -13.70 25.47 -13.95
CA THR B 61 -14.39 26.75 -13.73
C THR B 61 -15.88 26.52 -13.51
N GLU B 62 -16.55 27.52 -12.94
CA GLU B 62 -17.99 27.38 -12.74
C GLU B 62 -18.74 27.29 -14.06
N GLU B 63 -18.25 27.98 -15.10
CA GLU B 63 -18.87 27.86 -16.41
C GLU B 63 -18.72 26.44 -16.96
N GLU B 64 -17.59 25.78 -16.68
CA GLU B 64 -17.41 24.40 -17.09
C GLU B 64 -18.33 23.46 -16.31
N LEU B 65 -18.48 23.69 -15.00
CA LEU B 65 -19.43 22.89 -14.23
C LEU B 65 -20.84 23.00 -14.78
N ALA B 66 -21.18 24.17 -15.34
CA ALA B 66 -22.53 24.39 -15.84
C ALA B 66 -22.81 23.61 -17.13
N LEU B 67 -21.79 22.96 -17.71
CA LEU B 67 -22.05 22.07 -18.84
C LEU B 67 -22.98 20.94 -18.43
N CYS B 68 -22.94 20.53 -17.16
CA CYS B 68 -23.77 19.43 -16.67
C CYS B 68 -24.60 19.75 -15.43
N HIS B 69 -24.25 20.78 -14.65
CA HIS B 69 -24.89 21.00 -13.36
C HIS B 69 -25.62 22.34 -13.29
N SER B 70 -26.69 22.35 -12.50
CA SER B 70 -27.48 23.57 -12.31
C SER B 70 -26.69 24.60 -11.52
N SER B 71 -27.02 25.89 -11.73
CA SER B 71 -26.32 26.92 -11.00
C SER B 71 -26.63 26.84 -9.50
N LYS B 72 -27.83 26.41 -9.14
CA LYS B 72 -28.16 26.18 -7.74
C LYS B 72 -27.21 25.16 -7.11
N HIS B 73 -27.00 24.02 -7.77
CA HIS B 73 -26.16 22.99 -7.19
C HIS B 73 -24.72 23.45 -7.06
N ILE B 74 -24.21 24.12 -8.10
CA ILE B 74 -22.86 24.68 -8.04
C ILE B 74 -22.73 25.63 -6.85
N SER B 75 -23.71 26.52 -6.66
CA SER B 75 -23.59 27.52 -5.59
CA SER B 75 -23.60 27.52 -5.59
C SER B 75 -23.61 26.88 -4.21
N ILE B 76 -24.40 25.82 -4.03
CA ILE B 76 -24.49 25.17 -2.72
C ILE B 76 -23.17 24.49 -2.37
N ILE B 77 -22.63 23.68 -3.29
CA ILE B 77 -21.35 23.04 -3.00
C ILE B 77 -20.25 24.08 -2.82
N LYS B 78 -20.24 25.12 -3.66
CA LYS B 78 -19.24 26.18 -3.52
C LYS B 78 -19.32 26.84 -2.16
N SER B 79 -20.53 27.01 -1.63
CA SER B 79 -20.68 27.66 -0.34
C SER B 79 -20.10 26.83 0.81
N SER B 80 -19.89 25.53 0.63
CA SER B 80 -19.41 24.71 1.73
C SER B 80 -17.96 25.02 2.10
N GLU B 81 -17.22 25.69 1.21
CA GLU B 81 -15.81 25.98 1.47
C GLU B 81 -15.63 26.82 2.72
N HIS B 82 -16.63 27.64 3.07
CA HIS B 82 -16.54 28.56 4.20
C HIS B 82 -17.45 28.15 5.37
N MET B 83 -17.94 26.92 5.40
CA MET B 83 -18.87 26.55 6.46
C MET B 83 -18.15 26.09 7.72
N LYS B 84 -18.80 26.32 8.86
CA LYS B 84 -18.36 25.78 10.13
C LYS B 84 -18.75 24.31 10.23
N PRO B 85 -18.09 23.53 11.09
CA PRO B 85 -18.33 22.07 11.09
C PRO B 85 -19.79 21.66 11.24
N ARG B 86 -20.58 22.36 12.08
CA ARG B 86 -21.98 21.98 12.24
C ARG B 86 -22.73 22.09 10.92
N ASP B 87 -22.44 23.14 10.15
CA ASP B 87 -23.14 23.33 8.88
C ASP B 87 -22.66 22.36 7.81
N LEU B 88 -21.38 21.99 7.84
CA LEU B 88 -20.91 20.93 6.93
C LEU B 88 -21.65 19.63 7.18
N ASN B 89 -21.83 19.27 8.45
CA ASN B 89 -22.54 18.04 8.79
C ASN B 89 -23.97 18.10 8.32
N ARG B 90 -24.66 19.21 8.62
CA ARG B 90 -26.06 19.33 8.23
C ARG B 90 -26.22 19.33 6.71
N LEU B 91 -25.31 19.99 5.99
CA LEU B 91 -25.43 20.01 4.53
C LEU B 91 -25.23 18.63 3.94
N GLY B 92 -24.22 17.89 4.42
CA GLY B 92 -24.01 16.53 3.94
C GLY B 92 -25.22 15.65 4.14
N ASP B 93 -25.93 15.82 5.26
CA ASP B 93 -27.10 15.00 5.53
C ASP B 93 -28.27 15.31 4.61
N GLU B 94 -28.18 16.37 3.81
CA GLU B 94 -29.22 16.65 2.83
C GLU B 94 -29.16 15.69 1.65
N TYR B 95 -28.03 15.01 1.45
CA TYR B 95 -27.83 14.13 0.32
C TYR B 95 -27.75 12.68 0.76
N ASN B 96 -27.89 11.79 -0.22
CA ASN B 96 -27.70 10.35 -0.04
C ASN B 96 -26.20 10.08 0.00
N SER B 97 -25.68 9.70 1.17
CA SER B 97 -24.31 9.21 1.30
C SER B 97 -23.26 10.23 0.84
N ILE B 98 -23.21 11.36 1.53
CA ILE B 98 -22.24 12.42 1.27
C ILE B 98 -21.64 12.90 2.58
N PHE B 99 -20.31 13.10 2.59
CA PHE B 99 -19.63 13.90 3.62
C PHE B 99 -18.88 15.05 2.96
N ILE B 100 -18.74 16.15 3.70
CA ILE B 100 -18.17 17.39 3.18
C ILE B 100 -17.20 17.97 4.21
N SER B 101 -16.05 18.43 3.74
CA SER B 101 -15.12 19.23 4.54
C SER B 101 -14.94 20.56 3.83
N ASN B 102 -14.17 21.48 4.43
CA ASN B 102 -13.98 22.78 3.81
C ASN B 102 -13.17 22.67 2.50
N GLU B 103 -12.48 21.56 2.30
CA GLU B 103 -11.66 21.34 1.10
C GLU B 103 -12.41 20.61 -0.02
N SER B 104 -13.67 20.20 0.22
CA SER B 104 -14.34 19.30 -0.70
C SER B 104 -14.59 19.95 -2.05
N TYR B 105 -15.07 21.20 -2.06
CA TYR B 105 -15.37 21.89 -3.31
C TYR B 105 -14.11 22.01 -4.17
N THR B 106 -13.01 22.47 -3.58
CA THR B 106 -11.75 22.56 -4.31
C THR B 106 -11.32 21.22 -4.88
N CYS B 107 -11.41 20.16 -4.09
CA CYS B 107 -10.97 18.86 -4.60
C CYS B 107 -11.85 18.37 -5.74
N ALA B 108 -13.17 18.55 -5.62
CA ALA B 108 -14.05 18.19 -6.72
C ALA B 108 -13.73 18.99 -7.98
N LEU B 109 -13.38 20.28 -7.81
CA LEU B 109 -12.97 21.09 -8.94
C LEU B 109 -11.68 20.56 -9.56
N LEU B 110 -10.73 20.17 -8.73
CA LEU B 110 -9.46 19.65 -9.23
C LEU B 110 -9.66 18.33 -9.95
N ALA B 111 -10.53 17.45 -9.44
CA ALA B 111 -10.78 16.19 -10.11
C ALA B 111 -11.29 16.43 -11.52
N ALA B 112 -12.26 17.35 -11.66
CA ALA B 112 -12.85 17.64 -12.96
C ALA B 112 -11.82 18.29 -13.88
N GLY B 113 -11.15 19.34 -13.40
CA GLY B 113 -10.19 20.05 -14.25
C GLY B 113 -9.02 19.18 -14.67
N SER B 114 -8.57 18.28 -13.78
CA SER B 114 -7.53 17.31 -14.14
C SER B 114 -7.97 16.47 -15.34
N CYS B 115 -9.23 16.06 -15.37
CA CYS B 115 -9.74 15.24 -16.46
C CYS B 115 -9.92 16.07 -17.72
N PHE B 116 -10.31 17.35 -17.57
CA PHE B 116 -10.36 18.25 -18.73
C PHE B 116 -8.98 18.37 -19.38
N ASN B 117 -7.95 18.61 -18.57
CA ASN B 117 -6.60 18.73 -19.12
C ASN B 117 -6.16 17.44 -19.79
N SER B 118 -6.57 16.30 -19.23
CA SER B 118 -6.20 15.01 -19.81
C SER B 118 -6.90 14.79 -21.15
N ALA B 119 -8.20 15.05 -21.21
CA ALA B 119 -8.93 14.94 -22.48
C ALA B 119 -8.37 15.91 -23.51
N GLN B 120 -8.00 17.12 -23.08
CA GLN B 120 -7.43 18.07 -24.03
C GLN B 120 -6.09 17.58 -24.57
N ALA B 121 -5.27 17.00 -23.70
CA ALA B 121 -3.98 16.47 -24.13
C ALA B 121 -4.16 15.36 -25.16
N ILE B 122 -5.17 14.51 -24.97
CA ILE B 122 -5.46 13.45 -25.93
C ILE B 122 -5.98 14.03 -27.25
N LEU B 123 -6.95 14.94 -27.18
CA LEU B 123 -7.59 15.43 -28.39
C LEU B 123 -6.71 16.39 -29.18
N THR B 124 -5.65 16.93 -28.58
CA THR B 124 -4.68 17.75 -29.30
C THR B 124 -3.46 16.96 -29.75
N GLY B 125 -3.43 15.65 -29.52
CA GLY B 125 -2.32 14.84 -29.94
C GLY B 125 -1.07 14.98 -29.10
N GLN B 126 -1.16 15.57 -27.92
CA GLN B 126 0.02 15.67 -27.06
C GLN B 126 0.36 14.32 -26.42
N VAL B 127 -0.67 13.52 -26.13
CA VAL B 127 -0.53 12.14 -25.65
C VAL B 127 -1.54 11.29 -26.41
N ARG B 128 -1.27 9.98 -26.45
CA ARG B 128 -2.20 9.05 -27.10
C ARG B 128 -3.36 8.70 -26.17
N ASN B 129 -3.07 8.55 -24.88
CA ASN B 129 -4.07 8.10 -23.93
C ASN B 129 -3.62 8.60 -22.56
N ALA B 130 -4.44 8.36 -21.53
CA ALA B 130 -4.07 8.93 -20.24
C ALA B 130 -4.85 8.29 -19.11
N VAL B 131 -4.32 8.45 -17.90
CA VAL B 131 -4.94 7.92 -16.69
C VAL B 131 -5.05 9.06 -15.68
N ALA B 132 -6.21 9.14 -15.00
CA ALA B 132 -6.47 10.24 -14.07
C ALA B 132 -6.71 9.68 -12.67
N ILE B 133 -5.78 9.93 -11.76
CA ILE B 133 -5.83 9.41 -10.39
C ILE B 133 -6.43 10.51 -9.53
N VAL B 134 -7.77 10.53 -9.44
CA VAL B 134 -8.50 11.67 -8.91
C VAL B 134 -9.53 11.23 -7.87
N ARG B 135 -9.85 12.13 -6.96
CA ARG B 135 -10.95 11.98 -6.02
C ARG B 135 -11.39 13.36 -5.57
N PRO B 136 -12.63 13.50 -5.06
CA PRO B 136 -13.70 12.52 -4.92
C PRO B 136 -14.23 12.03 -6.27
N PRO B 137 -14.95 10.91 -6.27
CA PRO B 137 -15.47 10.36 -7.54
C PRO B 137 -16.62 11.17 -8.11
N GLY B 138 -17.12 10.78 -9.28
CA GLY B 138 -18.14 11.59 -9.92
C GLY B 138 -19.44 10.96 -10.38
N HIS B 139 -19.50 9.65 -10.65
CA HIS B 139 -20.54 9.16 -11.54
C HIS B 139 -21.93 9.09 -10.91
N HIS B 140 -22.05 9.18 -9.58
CA HIS B 140 -23.37 9.26 -8.95
C HIS B 140 -23.94 10.68 -8.91
N ALA B 141 -23.14 11.70 -9.22
CA ALA B 141 -23.60 13.08 -9.11
C ALA B 141 -24.57 13.39 -10.23
N GLU B 142 -25.66 14.08 -9.89
CA GLU B 142 -26.70 14.45 -10.83
C GLU B 142 -26.58 15.91 -11.20
N LYS B 143 -27.39 16.33 -12.19
CA LYS B 143 -27.41 17.74 -12.57
C LYS B 143 -27.66 18.63 -11.37
N ASP B 144 -28.58 18.25 -10.48
CA ASP B 144 -29.03 19.13 -9.41
C ASP B 144 -28.59 18.72 -8.02
N THR B 145 -27.83 17.64 -7.85
CA THR B 145 -27.55 17.18 -6.49
C THR B 145 -26.31 16.31 -6.44
N ALA B 146 -25.68 16.30 -5.27
CA ALA B 146 -24.60 15.38 -4.94
C ALA B 146 -25.18 14.04 -4.46
N CYS B 147 -24.38 12.99 -4.62
CA CYS B 147 -24.85 11.66 -4.26
C CYS B 147 -23.67 10.70 -4.17
N GLY B 148 -23.72 9.79 -3.19
CA GLY B 148 -22.84 8.64 -3.23
C GLY B 148 -21.36 8.96 -3.34
N PHE B 149 -20.88 9.84 -2.47
CA PHE B 149 -19.50 10.31 -2.38
C PHE B 149 -19.11 11.25 -3.53
N CYS B 150 -20.04 11.62 -4.41
CA CYS B 150 -19.76 12.38 -5.62
C CYS B 150 -20.43 13.74 -5.59
N PHE B 151 -19.69 14.80 -5.95
CA PHE B 151 -20.22 16.16 -5.95
C PHE B 151 -20.56 16.65 -7.35
N PHE B 152 -19.63 16.51 -8.28
CA PHE B 152 -19.84 16.86 -9.68
C PHE B 152 -19.48 15.66 -10.55
N ASN B 153 -20.14 15.55 -11.71
CA ASN B 153 -19.98 14.32 -12.46
C ASN B 153 -18.80 14.49 -13.40
N THR B 154 -17.61 14.17 -12.89
CA THR B 154 -16.34 14.35 -13.60
C THR B 154 -16.36 13.76 -15.01
N ALA B 155 -16.80 12.49 -15.15
CA ALA B 155 -16.79 11.88 -16.48
C ALA B 155 -17.78 12.55 -17.43
N ALA B 156 -18.99 12.84 -16.94
CA ALA B 156 -19.97 13.53 -17.79
C ALA B 156 -19.47 14.91 -18.19
N LEU B 157 -18.90 15.63 -17.23
CA LEU B 157 -18.32 16.94 -17.52
C LEU B 157 -17.22 16.84 -18.56
N THR B 158 -16.39 15.80 -18.44
CA THR B 158 -15.28 15.65 -19.38
C THR B 158 -15.77 15.36 -20.80
N ALA B 159 -16.86 14.58 -20.94
CA ALA B 159 -17.45 14.37 -22.25
C ALA B 159 -17.93 15.69 -22.86
N ARG B 160 -18.60 16.51 -22.06
CA ARG B 160 -19.10 17.79 -22.57
C ARG B 160 -17.96 18.75 -22.84
N TYR B 161 -16.91 18.73 -21.99
CA TYR B 161 -15.75 19.57 -22.23
C TYR B 161 -15.07 19.17 -23.54
N ALA B 162 -14.92 17.86 -23.77
CA ALA B 162 -14.34 17.39 -25.02
C ALA B 162 -15.12 17.93 -26.22
N GLN B 163 -16.46 17.85 -26.16
CA GLN B 163 -17.27 18.39 -27.25
C GLN B 163 -17.06 19.90 -27.40
N SER B 164 -16.88 20.62 -26.29
CA SER B 164 -16.72 22.07 -26.35
C SER B 164 -15.43 22.51 -27.02
N ILE B 165 -14.39 21.68 -27.01
CA ILE B 165 -13.12 22.03 -27.66
C ILE B 165 -12.91 21.32 -28.98
N THR B 166 -13.88 20.52 -29.45
CA THR B 166 -13.74 19.87 -30.75
C THR B 166 -14.95 20.22 -31.61
N ARG B 167 -15.96 19.36 -31.66
CA ARG B 167 -17.24 19.81 -32.20
C ARG B 167 -18.34 19.29 -31.30
N GLU B 168 -19.47 20.00 -31.30
CA GLU B 168 -20.51 19.72 -30.30
C GLU B 168 -20.99 18.28 -30.36
N SER B 169 -20.98 17.66 -31.55
CA SER B 169 -21.51 16.32 -31.75
C SER B 169 -20.42 15.25 -31.70
N LEU B 170 -19.26 15.56 -31.13
CA LEU B 170 -18.20 14.56 -30.99
C LEU B 170 -18.74 13.31 -30.29
N ARG B 171 -18.49 12.15 -30.88
CA ARG B 171 -18.99 10.89 -30.35
C ARG B 171 -18.09 10.43 -29.22
N VAL B 172 -18.61 10.48 -28.00
CA VAL B 172 -17.88 10.05 -26.81
C VAL B 172 -18.55 8.79 -26.28
N LEU B 173 -17.77 7.73 -26.11
CA LEU B 173 -18.21 6.54 -25.38
C LEU B 173 -17.74 6.64 -23.94
N ILE B 174 -18.65 6.44 -23.00
CA ILE B 174 -18.28 6.28 -21.59
C ILE B 174 -18.54 4.83 -21.22
N VAL B 175 -17.49 4.12 -20.82
CA VAL B 175 -17.63 2.76 -20.30
C VAL B 175 -17.44 2.84 -18.79
N ASP B 176 -18.47 2.43 -18.03
CA ASP B 176 -18.48 2.58 -16.58
C ASP B 176 -18.35 1.20 -15.96
N TRP B 177 -17.13 0.82 -15.54
CA TRP B 177 -16.96 -0.51 -14.95
C TRP B 177 -16.81 -0.48 -13.43
N ASP B 178 -17.06 0.67 -12.81
CA ASP B 178 -17.33 0.70 -11.38
C ASP B 178 -18.44 -0.31 -11.05
N VAL B 179 -18.37 -0.93 -9.87
CA VAL B 179 -19.36 -1.97 -9.56
C VAL B 179 -20.76 -1.40 -9.38
N HIS B 180 -20.87 -0.11 -9.13
CA HIS B 180 -22.17 0.54 -8.99
C HIS B 180 -22.60 1.20 -10.30
N HIS B 181 -23.91 1.29 -10.48
CA HIS B 181 -24.48 2.00 -11.62
C HIS B 181 -24.17 3.50 -11.52
N GLY B 182 -23.74 4.10 -12.63
CA GLY B 182 -23.58 5.54 -12.63
C GLY B 182 -24.87 6.26 -12.92
N ASN B 183 -25.75 6.38 -11.92
CA ASN B 183 -27.07 6.97 -12.12
C ASN B 183 -26.97 8.36 -12.71
N GLY B 184 -26.00 9.15 -12.24
CA GLY B 184 -25.86 10.50 -12.72
C GLY B 184 -25.45 10.55 -14.19
N THR B 185 -24.48 9.73 -14.58
CA THR B 185 -24.07 9.72 -15.99
C THR B 185 -25.21 9.29 -16.90
N GLN B 186 -25.93 8.25 -16.51
CA GLN B 186 -27.06 7.80 -17.32
C GLN B 186 -28.07 8.92 -17.52
N HIS B 187 -28.48 9.56 -16.41
CA HIS B 187 -29.49 10.62 -16.50
C HIS B 187 -29.01 11.80 -17.33
N ILE B 188 -27.76 12.23 -17.11
CA ILE B 188 -27.25 13.40 -17.82
C ILE B 188 -27.32 13.18 -19.33
N PHE B 189 -27.03 11.97 -19.80
CA PHE B 189 -27.00 11.69 -21.23
C PHE B 189 -28.20 10.88 -21.74
N GLU B 190 -29.26 10.74 -20.95
CA GLU B 190 -30.27 9.76 -21.33
C GLU B 190 -30.97 10.12 -22.63
N GLU B 191 -31.06 11.41 -22.95
CA GLU B 191 -31.69 11.84 -24.18
C GLU B 191 -30.70 12.19 -25.27
N ASP B 192 -29.46 11.71 -25.17
CA ASP B 192 -28.38 12.18 -26.03
C ASP B 192 -27.83 11.02 -26.86
N ASP B 193 -27.72 11.22 -28.18
CA ASP B 193 -27.12 10.22 -29.04
C ASP B 193 -25.63 10.49 -29.31
N SER B 194 -25.08 11.58 -28.80
CA SER B 194 -23.67 11.86 -29.01
C SER B 194 -22.78 11.25 -27.94
N VAL B 195 -23.35 10.85 -26.81
CA VAL B 195 -22.59 10.21 -25.73
C VAL B 195 -23.24 8.87 -25.45
N LEU B 196 -22.52 7.79 -25.77
CA LEU B 196 -22.99 6.43 -25.55
C LEU B 196 -22.52 6.00 -24.16
N TYR B 197 -23.47 5.67 -23.29
CA TYR B 197 -23.15 5.27 -21.92
C TYR B 197 -23.34 3.75 -21.81
N ILE B 198 -22.29 3.04 -21.43
CA ILE B 198 -22.35 1.59 -21.19
C ILE B 198 -21.89 1.35 -19.77
N SER B 199 -22.77 0.79 -18.95
CA SER B 199 -22.44 0.51 -17.55
C SER B 199 -22.59 -0.98 -17.27
N LEU B 200 -21.60 -1.56 -16.58
CA LEU B 200 -21.74 -2.88 -15.96
C LEU B 200 -21.80 -2.66 -14.46
N HIS B 201 -22.71 -3.33 -13.77
CA HIS B 201 -22.88 -3.04 -12.36
C HIS B 201 -23.62 -4.16 -11.67
N ARG B 202 -23.26 -4.39 -10.41
CA ARG B 202 -24.06 -5.24 -9.53
C ARG B 202 -25.41 -4.58 -9.29
N TYR B 203 -26.49 -5.34 -9.50
CA TYR B 203 -27.85 -4.80 -9.50
C TYR B 203 -28.72 -5.46 -8.45
N GLU B 204 -28.78 -6.79 -8.42
CA GLU B 204 -29.56 -7.56 -7.45
C GLU B 204 -31.02 -7.10 -7.41
N ASP B 205 -31.61 -7.00 -8.60
CA ASP B 205 -33.02 -6.62 -8.77
C ASP B 205 -33.34 -5.30 -8.08
N GLY B 206 -32.38 -4.38 -8.11
CA GLY B 206 -32.55 -3.07 -7.53
C GLY B 206 -32.15 -2.94 -6.07
N ALA B 207 -31.63 -4.00 -5.44
CA ALA B 207 -31.34 -3.93 -4.02
C ALA B 207 -29.97 -3.32 -3.73
N PHE B 208 -29.10 -3.30 -4.72
CA PHE B 208 -27.73 -2.83 -4.52
C PHE B 208 -27.66 -1.34 -4.80
N PHE B 209 -26.85 -0.62 -4.00
CA PHE B 209 -26.69 0.81 -4.20
C PHE B 209 -26.37 1.11 -5.67
N PRO B 210 -26.99 2.15 -6.27
CA PRO B 210 -27.83 3.20 -5.67
C PRO B 210 -29.32 2.90 -5.56
N ASN B 211 -29.72 1.62 -5.67
CA ASN B 211 -31.03 1.13 -5.24
C ASN B 211 -32.17 1.61 -6.15
N SER B 212 -31.92 1.75 -7.44
CA SER B 212 -32.93 2.23 -8.37
C SER B 212 -33.08 1.26 -9.54
N GLU B 213 -34.33 1.03 -9.94
CA GLU B 213 -34.51 0.22 -11.14
C GLU B 213 -34.13 0.96 -12.42
N ASP B 214 -33.68 2.22 -12.31
CA ASP B 214 -33.09 2.90 -13.47
C ASP B 214 -31.90 2.14 -14.02
N ALA B 215 -31.28 1.28 -13.22
CA ALA B 215 -30.08 0.55 -13.64
C ALA B 215 -30.39 -0.74 -14.37
N ASN B 216 -31.67 -1.08 -14.62
CA ASN B 216 -31.97 -2.36 -15.26
C ASN B 216 -31.73 -2.30 -16.77
N TYR B 217 -31.66 -3.48 -17.39
CA TYR B 217 -31.28 -3.58 -18.80
C TYR B 217 -32.31 -2.97 -19.75
N ASP B 218 -33.54 -2.76 -19.30
CA ASP B 218 -34.57 -2.25 -20.19
C ASP B 218 -34.56 -0.72 -20.31
N LYS B 219 -33.65 -0.04 -19.61
CA LYS B 219 -33.52 1.41 -19.76
C LYS B 219 -32.53 1.64 -20.89
N VAL B 220 -33.05 1.89 -22.10
CA VAL B 220 -32.23 1.92 -23.30
C VAL B 220 -31.98 3.33 -23.80
N GLY B 221 -32.48 4.33 -23.11
CA GLY B 221 -32.36 5.71 -23.54
C GLY B 221 -33.70 6.26 -23.98
N LEU B 222 -33.76 7.59 -24.03
CA LEU B 222 -35.00 8.32 -24.31
C LEU B 222 -34.83 9.25 -25.50
N GLY B 223 -35.90 9.42 -26.28
CA GLY B 223 -35.86 10.42 -27.34
C GLY B 223 -34.81 10.07 -28.38
N LYS B 224 -34.02 11.07 -28.79
CA LYS B 224 -32.96 10.78 -29.75
C LYS B 224 -31.89 9.89 -29.16
N GLY B 225 -31.81 9.80 -27.83
CA GLY B 225 -30.92 8.88 -27.14
C GLY B 225 -31.37 7.43 -27.08
N ARG B 226 -32.50 7.06 -27.67
CA ARG B 226 -32.94 5.67 -27.62
C ARG B 226 -31.91 4.76 -28.30
N GLY B 227 -31.43 3.78 -27.56
CA GLY B 227 -30.37 2.90 -28.00
C GLY B 227 -29.00 3.26 -27.48
N TYR B 228 -28.82 4.46 -26.94
CA TYR B 228 -27.50 4.95 -26.55
C TYR B 228 -27.29 4.90 -25.05
N ASN B 229 -28.05 4.06 -24.35
CA ASN B 229 -27.84 3.78 -22.93
C ASN B 229 -27.88 2.27 -22.76
N VAL B 230 -26.76 1.67 -22.33
CA VAL B 230 -26.64 0.22 -22.25
C VAL B 230 -26.30 -0.14 -20.80
N ASN B 231 -27.26 -0.71 -20.09
CA ASN B 231 -27.06 -1.19 -18.71
C ASN B 231 -26.87 -2.69 -18.74
N ILE B 232 -25.79 -3.17 -18.14
CA ILE B 232 -25.51 -4.60 -18.02
C ILE B 232 -25.58 -4.94 -16.54
N PRO B 233 -26.75 -5.36 -16.03
CA PRO B 233 -26.92 -5.59 -14.59
C PRO B 233 -26.66 -7.02 -14.17
N TRP B 234 -25.88 -7.19 -13.10
CA TRP B 234 -25.55 -8.51 -12.57
C TRP B 234 -26.47 -8.85 -11.40
N ASN B 235 -26.96 -10.10 -11.39
CA ASN B 235 -27.83 -10.59 -10.33
C ASN B 235 -27.32 -11.93 -9.85
N GLY B 236 -27.36 -12.13 -8.53
CA GLY B 236 -27.16 -13.43 -7.92
C GLY B 236 -25.88 -14.13 -8.30
N GLY B 237 -24.75 -13.51 -7.97
CA GLY B 237 -23.49 -14.13 -8.30
C GLY B 237 -22.29 -13.24 -8.03
N LYS B 238 -21.19 -13.85 -7.58
CA LYS B 238 -19.93 -13.14 -7.38
CA LYS B 238 -19.93 -13.14 -7.38
C LYS B 238 -19.21 -13.10 -8.73
N MET B 239 -19.49 -12.07 -9.50
CA MET B 239 -18.90 -11.95 -10.83
C MET B 239 -17.42 -11.59 -10.78
N GLY B 240 -16.73 -11.97 -11.85
CA GLY B 240 -15.30 -11.73 -11.98
C GLY B 240 -14.87 -11.73 -13.44
N ASP B 241 -13.62 -12.11 -13.68
CA ASP B 241 -13.05 -11.97 -15.02
C ASP B 241 -13.87 -12.67 -16.10
N PRO B 242 -14.32 -13.92 -15.92
CA PRO B 242 -15.08 -14.56 -17.01
C PRO B 242 -16.30 -13.78 -17.43
N GLU B 243 -17.03 -13.26 -16.45
CA GLU B 243 -18.28 -12.55 -16.73
C GLU B 243 -18.00 -11.24 -17.44
N TYR B 244 -16.98 -10.51 -16.99
CA TYR B 244 -16.67 -9.23 -17.62
C TYR B 244 -16.10 -9.43 -19.02
N MET B 245 -15.25 -10.44 -19.22
CA MET B 245 -14.80 -10.74 -20.58
C MET B 245 -15.96 -11.12 -21.49
N ALA B 246 -16.92 -11.89 -20.97
CA ALA B 246 -18.07 -12.27 -21.80
C ALA B 246 -18.93 -11.06 -22.15
N ALA B 247 -19.15 -10.17 -21.18
CA ALA B 247 -19.91 -8.96 -21.49
C ALA B 247 -19.20 -8.08 -22.51
N PHE B 248 -17.86 -7.99 -22.44
CA PHE B 248 -17.14 -7.20 -23.44
C PHE B 248 -17.24 -7.85 -24.81
N HIS B 249 -17.15 -9.18 -24.86
CA HIS B 249 -17.14 -9.88 -26.13
C HIS B 249 -18.50 -9.79 -26.83
N HIS B 250 -19.57 -9.99 -26.07
CA HIS B 250 -20.91 -10.06 -26.66
C HIS B 250 -21.59 -8.72 -26.77
N LEU B 251 -21.22 -7.73 -25.93
CA LEU B 251 -22.00 -6.50 -25.85
C LEU B 251 -21.14 -5.25 -26.00
N VAL B 252 -20.19 -5.03 -25.08
CA VAL B 252 -19.50 -3.75 -25.04
C VAL B 252 -18.76 -3.50 -26.33
N MET B 253 -17.93 -4.45 -26.76
CA MET B 253 -17.14 -4.15 -27.95
C MET B 253 -17.92 -4.14 -29.26
N PRO B 254 -18.85 -5.07 -29.52
CA PRO B 254 -19.67 -4.92 -30.74
C PRO B 254 -20.42 -3.60 -30.81
N ILE B 255 -21.02 -3.18 -29.70
CA ILE B 255 -21.75 -1.91 -29.69
C ILE B 255 -20.79 -0.74 -29.87
N ALA B 256 -19.66 -0.77 -29.15
CA ALA B 256 -18.72 0.34 -29.26
C ALA B 256 -18.19 0.48 -30.68
N ARG B 257 -17.88 -0.64 -31.34
CA ARG B 257 -17.32 -0.55 -32.68
C ARG B 257 -18.33 0.06 -33.65
N GLU B 258 -19.60 -0.29 -33.48
CA GLU B 258 -20.64 0.23 -34.35
C GLU B 258 -20.87 1.72 -34.11
N PHE B 259 -20.79 2.15 -32.85
CA PHE B 259 -20.90 3.57 -32.50
C PHE B 259 -19.71 4.37 -33.04
N ALA B 260 -18.53 3.75 -33.12
CA ALA B 260 -17.33 4.37 -33.66
C ALA B 260 -16.97 5.64 -32.90
N PRO B 261 -16.68 5.54 -31.60
CA PRO B 261 -16.39 6.74 -30.83
C PRO B 261 -15.15 7.46 -31.31
N GLU B 262 -15.13 8.77 -31.08
CA GLU B 262 -13.94 9.57 -31.32
C GLU B 262 -13.15 9.81 -30.04
N LEU B 263 -13.69 9.42 -28.89
CA LEU B 263 -12.99 9.51 -27.62
C LEU B 263 -13.67 8.50 -26.69
N VAL B 264 -12.86 7.77 -25.92
CA VAL B 264 -13.37 6.82 -24.94
C VAL B 264 -13.00 7.33 -23.55
N LEU B 265 -14.00 7.46 -22.69
CA LEU B 265 -13.76 7.72 -21.28
C LEU B 265 -14.13 6.48 -20.48
N VAL B 266 -13.28 6.10 -19.53
CA VAL B 266 -13.61 5.00 -18.64
C VAL B 266 -13.91 5.58 -17.27
N SER B 267 -15.14 5.35 -16.80
CA SER B 267 -15.48 5.58 -15.40
C SER B 267 -14.95 4.35 -14.69
N ALA B 268 -13.67 4.42 -14.31
CA ALA B 268 -12.93 3.24 -13.87
C ALA B 268 -12.92 3.19 -12.35
N GLY B 269 -14.05 2.80 -11.78
CA GLY B 269 -14.03 2.38 -10.38
C GLY B 269 -13.39 1.01 -10.27
N PHE B 270 -12.74 0.74 -9.13
CA PHE B 270 -12.13 -0.58 -8.95
C PHE B 270 -12.76 -1.29 -7.75
N ASP B 271 -14.05 -0.99 -7.50
CA ASP B 271 -14.77 -1.68 -6.44
C ASP B 271 -15.41 -3.00 -6.90
N ALA B 272 -15.26 -3.41 -8.16
CA ALA B 272 -15.57 -4.80 -8.51
C ALA B 272 -14.36 -5.70 -8.30
N ALA B 273 -13.30 -5.20 -7.69
CA ALA B 273 -12.07 -5.94 -7.64
C ALA B 273 -12.12 -6.98 -6.52
N ARG B 274 -11.42 -8.07 -6.74
CA ARG B 274 -11.18 -9.05 -5.69
C ARG B 274 -10.62 -8.32 -4.47
N GLY B 275 -11.22 -8.57 -3.29
CA GLY B 275 -10.81 -7.92 -2.07
C GLY B 275 -11.60 -6.69 -1.66
N ASP B 276 -12.43 -6.13 -2.56
CA ASP B 276 -13.16 -4.92 -2.19
C ASP B 276 -14.16 -5.20 -1.08
N PRO B 277 -14.22 -4.38 -0.04
CA PRO B 277 -15.15 -4.64 1.08
C PRO B 277 -16.60 -4.30 0.79
N LEU B 278 -16.89 -3.55 -0.28
CA LEU B 278 -18.24 -3.12 -0.61
C LEU B 278 -18.81 -3.77 -1.86
N GLY B 279 -17.97 -4.11 -2.83
CA GLY B 279 -18.47 -4.66 -4.09
C GLY B 279 -18.85 -6.13 -4.04
N GLY B 280 -18.03 -6.94 -3.37
CA GLY B 280 -18.31 -8.37 -3.31
C GLY B 280 -18.02 -9.16 -4.58
N PHE B 281 -17.30 -8.58 -5.54
CA PHE B 281 -16.95 -9.24 -6.79
C PHE B 281 -15.47 -9.64 -6.79
N GLN B 282 -15.00 -10.23 -7.89
CA GLN B 282 -13.62 -10.73 -7.90
C GLN B 282 -12.92 -10.51 -9.24
N VAL B 283 -13.16 -9.34 -9.87
CA VAL B 283 -12.34 -8.98 -11.02
C VAL B 283 -10.89 -8.81 -10.56
N THR B 284 -9.96 -9.33 -11.34
CA THR B 284 -8.53 -9.32 -11.01
C THR B 284 -7.82 -8.18 -11.72
N PRO B 285 -6.61 -7.82 -11.25
CA PRO B 285 -5.84 -6.79 -11.99
C PRO B 285 -5.57 -7.17 -13.42
N GLU B 286 -5.32 -8.46 -13.69
CA GLU B 286 -5.17 -8.91 -15.07
C GLU B 286 -6.46 -8.74 -15.84
N GLY B 287 -7.60 -8.93 -15.18
CA GLY B 287 -8.88 -8.69 -15.84
C GLY B 287 -9.03 -7.24 -16.27
N TYR B 288 -8.73 -6.30 -15.37
CA TYR B 288 -8.80 -4.88 -15.72
C TYR B 288 -7.82 -4.55 -16.84
N ALA B 289 -6.66 -5.20 -16.86
CA ALA B 289 -5.72 -4.99 -17.96
C ALA B 289 -6.33 -5.40 -19.29
N HIS B 290 -7.00 -6.55 -19.33
CA HIS B 290 -7.59 -7.00 -20.57
C HIS B 290 -8.73 -6.09 -21.01
N LEU B 291 -9.53 -5.61 -20.06
CA LEU B 291 -10.60 -4.68 -20.44
C LEU B 291 -10.00 -3.40 -21.02
N THR B 292 -8.95 -2.87 -20.38
CA THR B 292 -8.27 -1.69 -20.92
C THR B 292 -7.73 -1.95 -22.31
N HIS B 293 -7.07 -3.10 -22.48
CA HIS B 293 -6.48 -3.43 -23.77
C HIS B 293 -7.53 -3.50 -24.87
N GLN B 294 -8.71 -4.04 -24.56
CA GLN B 294 -9.77 -4.06 -25.56
C GLN B 294 -10.24 -2.65 -25.91
N LEU B 295 -10.40 -1.78 -24.92
CA LEU B 295 -10.88 -0.44 -25.24
C LEU B 295 -9.86 0.36 -26.04
N MET B 296 -8.55 0.04 -25.91
CA MET B 296 -7.62 0.81 -26.74
C MET B 296 -7.72 0.48 -28.23
N SER B 297 -8.53 -0.50 -28.63
CA SER B 297 -8.77 -0.73 -30.04
C SER B 297 -9.77 0.25 -30.64
N LEU B 298 -10.39 1.08 -29.80
CA LEU B 298 -11.39 2.06 -30.21
C LEU B 298 -10.79 3.46 -30.32
N ALA B 299 -11.44 4.30 -31.14
CA ALA B 299 -11.16 5.74 -31.19
C ALA B 299 -9.70 6.05 -31.46
N ALA B 300 -9.05 5.23 -32.30
CA ALA B 300 -7.63 5.40 -32.61
C ALA B 300 -6.77 5.41 -31.34
N GLY B 301 -7.23 4.69 -30.32
CA GLY B 301 -6.52 4.58 -29.06
C GLY B 301 -6.75 5.68 -28.06
N ARG B 302 -7.68 6.61 -28.34
CA ARG B 302 -7.88 7.78 -27.48
C ARG B 302 -8.74 7.39 -26.29
N VAL B 303 -8.07 6.96 -25.22
CA VAL B 303 -8.72 6.42 -24.03
C VAL B 303 -8.24 7.20 -22.82
N LEU B 304 -9.17 7.68 -21.99
CA LEU B 304 -8.85 8.34 -20.73
C LEU B 304 -9.47 7.52 -19.60
N ILE B 305 -8.64 7.01 -18.70
CA ILE B 305 -9.09 6.18 -17.57
C ILE B 305 -9.26 7.07 -16.35
N ILE B 306 -10.50 7.19 -15.85
CA ILE B 306 -10.84 8.11 -14.75
C ILE B 306 -11.22 7.30 -13.50
N LEU B 307 -10.45 7.46 -12.41
CA LEU B 307 -10.78 6.78 -11.16
C LEU B 307 -12.16 7.19 -10.65
N GLU B 308 -13.01 6.19 -10.34
CA GLU B 308 -14.27 6.45 -9.67
C GLU B 308 -14.14 5.87 -8.27
N GLY B 309 -14.84 4.78 -7.97
CA GLY B 309 -14.73 4.11 -6.67
C GLY B 309 -13.68 3.04 -6.60
N GLY B 310 -13.80 2.18 -5.59
CA GLY B 310 -12.76 1.19 -5.28
C GLY B 310 -12.14 1.44 -3.92
N TYR B 311 -12.28 0.49 -2.98
CA TYR B 311 -12.01 0.78 -1.58
C TYR B 311 -11.03 -0.15 -0.87
N ASN B 312 -10.53 -1.20 -1.52
CA ASN B 312 -9.40 -1.96 -0.97
C ASN B 312 -8.15 -1.30 -1.54
N LEU B 313 -7.37 -0.65 -0.67
CA LEU B 313 -6.26 0.17 -1.17
C LEU B 313 -5.26 -0.66 -1.96
N THR B 314 -4.98 -1.89 -1.52
CA THR B 314 -4.07 -2.74 -2.28
C THR B 314 -4.68 -3.14 -3.61
N SER B 315 -5.96 -3.51 -3.63
CA SER B 315 -6.59 -3.95 -4.86
CA SER B 315 -6.60 -3.96 -4.86
C SER B 315 -6.65 -2.83 -5.89
N ILE B 316 -7.05 -1.63 -5.48
CA ILE B 316 -7.15 -0.55 -6.46
C ILE B 316 -5.79 -0.12 -6.96
N SER B 317 -4.75 -0.20 -6.11
CA SER B 317 -3.42 0.21 -6.56
C SER B 317 -2.88 -0.75 -7.62
N GLU B 318 -3.02 -2.05 -7.38
CA GLU B 318 -2.57 -3.01 -8.38
C GLU B 318 -3.43 -2.93 -9.63
N SER B 319 -4.74 -2.75 -9.47
CA SER B 319 -5.64 -2.78 -10.62
C SER B 319 -5.41 -1.59 -11.54
N MET B 320 -5.40 -0.36 -10.99
CA MET B 320 -5.17 0.80 -11.86
C MET B 320 -3.79 0.75 -12.50
N SER B 321 -2.76 0.32 -11.75
CA SER B 321 -1.41 0.26 -12.31
CA SER B 321 -1.42 0.28 -12.32
C SER B 321 -1.36 -0.67 -13.51
N MET B 322 -2.10 -1.77 -13.46
CA MET B 322 -2.17 -2.69 -14.60
C MET B 322 -2.82 -2.02 -15.79
N CYS B 323 -3.84 -1.20 -15.56
CA CYS B 323 -4.44 -0.43 -16.65
C CYS B 323 -3.42 0.50 -17.31
N THR B 324 -2.63 1.23 -16.50
CA THR B 324 -1.63 2.13 -17.07
C THR B 324 -0.57 1.37 -17.86
N SER B 325 -0.12 0.23 -17.34
CA SER B 325 0.81 -0.63 -18.06
C SER B 325 0.25 -0.96 -19.44
N MET B 326 -1.06 -1.16 -19.52
CA MET B 326 -1.68 -1.50 -20.79
C MET B 326 -1.65 -0.28 -21.71
N LEU B 327 -1.98 0.89 -21.17
CA LEU B 327 -1.97 2.13 -21.96
C LEU B 327 -0.57 2.42 -22.51
N LEU B 328 0.47 2.06 -21.76
CA LEU B 328 1.85 2.27 -22.18
C LEU B 328 2.29 1.30 -23.27
N GLY B 329 1.47 0.32 -23.61
CA GLY B 329 1.76 -0.63 -24.67
C GLY B 329 2.33 -1.96 -24.23
N ASP B 330 2.37 -2.24 -22.93
CA ASP B 330 2.88 -3.50 -22.45
C ASP B 330 1.97 -4.66 -22.85
N SER B 331 2.56 -5.85 -22.97
CA SER B 331 1.80 -7.01 -23.40
C SER B 331 0.82 -7.42 -22.31
N PRO B 332 -0.41 -7.77 -22.68
CA PRO B 332 -1.41 -8.18 -21.67
C PRO B 332 -0.98 -9.40 -20.90
N PRO B 333 -1.19 -9.40 -19.59
CA PRO B 333 -0.84 -10.57 -18.77
C PRO B 333 -1.84 -11.69 -19.01
N SER B 334 -1.45 -12.90 -18.63
CA SER B 334 -2.37 -14.00 -18.85
C SER B 334 -3.53 -13.93 -17.86
N LEU B 335 -4.73 -14.23 -18.33
CA LEU B 335 -5.91 -14.34 -17.48
C LEU B 335 -5.98 -15.73 -16.88
N ASP B 336 -6.94 -15.90 -15.96
CA ASP B 336 -7.26 -17.22 -15.43
C ASP B 336 -8.53 -17.74 -16.10
N LEU B 341 -18.09 -19.36 -17.20
CA LEU B 341 -19.10 -18.38 -16.84
C LEU B 341 -20.04 -18.86 -15.77
N LYS B 342 -20.45 -17.96 -14.90
CA LYS B 342 -21.61 -18.19 -14.05
C LYS B 342 -22.88 -18.05 -14.88
N THR B 343 -23.82 -18.98 -14.68
CA THR B 343 -24.97 -19.03 -15.57
C THR B 343 -25.81 -17.76 -15.48
N SER B 344 -25.95 -17.18 -14.27
CA SER B 344 -26.77 -15.97 -14.18
C SER B 344 -26.17 -14.83 -14.97
N ALA B 345 -24.85 -14.85 -15.20
CA ALA B 345 -24.24 -13.84 -16.04
C ALA B 345 -24.67 -14.00 -17.50
N THR B 346 -24.84 -15.25 -17.97
CA THR B 346 -25.34 -15.46 -19.32
C THR B 346 -26.76 -14.94 -19.46
N VAL B 347 -27.58 -15.15 -18.43
CA VAL B 347 -28.94 -14.62 -18.41
C VAL B 347 -28.93 -13.10 -18.55
N SER B 348 -28.06 -12.43 -17.79
CA SER B 348 -27.96 -10.97 -17.87
C SER B 348 -27.55 -10.54 -19.26
N ILE B 349 -26.51 -11.18 -19.81
CA ILE B 349 -26.04 -10.81 -21.14
C ILE B 349 -27.14 -11.04 -22.18
N ASN B 350 -27.89 -12.12 -22.06
CA ASN B 350 -28.96 -12.39 -23.02
C ASN B 350 -30.08 -11.37 -22.89
N ASN B 351 -30.40 -10.94 -21.67
CA ASN B 351 -31.39 -9.89 -21.49
C ASN B 351 -30.98 -8.61 -22.20
N VAL B 352 -29.71 -8.21 -22.07
CA VAL B 352 -29.25 -6.98 -22.74
C VAL B 352 -29.28 -7.16 -24.24
N LEU B 353 -28.83 -8.32 -24.73
CA LEU B 353 -28.87 -8.58 -26.17
C LEU B 353 -30.28 -8.43 -26.72
N ARG B 354 -31.27 -8.98 -26.03
CA ARG B 354 -32.65 -8.84 -26.52
C ARG B 354 -33.11 -7.40 -26.48
N ALA B 355 -32.65 -6.62 -25.48
CA ALA B 355 -33.08 -5.24 -25.38
C ALA B 355 -32.42 -4.34 -26.42
N HIS B 356 -31.19 -4.67 -26.85
CA HIS B 356 -30.42 -3.76 -27.69
C HIS B 356 -30.23 -4.23 -29.13
N ALA B 357 -30.52 -5.47 -29.44
CA ALA B 357 -30.45 -5.92 -30.83
C ALA B 357 -31.32 -5.07 -31.76
N PRO B 358 -32.46 -4.54 -31.33
CA PRO B 358 -33.21 -3.65 -32.25
C PRO B 358 -32.42 -2.42 -32.67
N PHE B 359 -31.46 -1.96 -31.84
CA PHE B 359 -30.73 -0.73 -32.10
C PHE B 359 -29.34 -0.94 -32.68
N TRP B 360 -28.76 -2.13 -32.49
CA TRP B 360 -27.36 -2.36 -32.86
C TRP B 360 -27.29 -3.59 -33.74
N SER B 361 -27.05 -3.39 -35.03
CA SER B 361 -27.06 -4.53 -35.94
C SER B 361 -25.93 -5.51 -35.65
N SER B 362 -24.87 -5.07 -34.97
CA SER B 362 -23.79 -6.00 -34.64
C SER B 362 -24.20 -7.06 -33.63
N LEU B 363 -25.37 -6.94 -33.00
CA LEU B 363 -25.81 -7.90 -31.99
C LEU B 363 -26.72 -8.99 -32.58
C02 QHX C . 21.65 3.30 5.95
C03 QHX C . 21.61 3.18 4.59
C04 QHX C . 20.71 2.29 4.01
C06 QHX C . 19.87 1.55 4.81
C07 QHX C . 19.92 1.67 6.18
C08 QHX C . 18.98 0.82 7.00
C12 QHX C . 20.83 2.55 6.76
F01 QHX C . 22.55 4.18 6.49
F05 QHX C . 20.64 2.16 2.66
N09 QHX C . 18.33 -0.28 6.32
O10 QHX C . 17.44 -1.09 7.02
O11 QHX C . 18.74 1.04 8.15
ZN ZN D . 18.63 -2.54 6.77
K K E . 21.16 -8.46 9.72
K K F . 26.84 -11.76 22.38
C02 QHX G . -21.08 2.74 -1.48
C03 QHX G . -22.02 3.69 -1.12
C04 QHX G . -22.10 4.89 -1.79
C06 QHX G . -21.26 5.15 -2.86
C07 QHX G . -20.32 4.20 -3.21
C08 QHX G . -19.36 4.43 -4.36
C12 QHX G . -20.23 3.00 -2.53
F01 QHX G . -21.00 1.57 -0.81
F05 QHX G . -23.04 5.80 -1.40
N09 QHX G . -18.54 3.31 -4.77
O10 QHX G . -17.63 3.49 -5.81
O11 QHX G . -19.25 5.49 -4.89
ZN ZN H . -18.68 2.28 -6.90
K K I . -20.85 0.79 -13.49
K K J . -26.83 8.31 -23.97
#